data_4AMY
#
_entry.id   4AMY
#
_cell.length_a   71.000
_cell.length_b   99.500
_cell.length_c   110.800
_cell.angle_alpha   90.00
_cell.angle_beta   90.00
_cell.angle_gamma   90.00
#
_symmetry.space_group_name_H-M   'P 21 21 21'
#
loop_
_entity.id
_entity.type
_entity.pdbx_description
1 polymer 'PROLYL ENDOPEPTIDASE'
2 non-polymer 1-[(2R,5S)-2-tert-butyl-5-({(2S)-2-[(1R)-1,2-dihydroxyethyl]pyrrolidin-1-yl}carbonyl)pyrrolidin-1-yl]-4-phenylbutan-1-one
3 non-polymer GLYCEROL
4 water water
#
_entity_poly.entity_id   1
_entity_poly.type   'polypeptide(L)'
_entity_poly.pdbx_seq_one_letter_code
;MLSFQYPDVYRDETAIQDYHGHKVCDPYAWLEDPDSEQTKAFVEAQNKITVPFLEQCPIRGLYKERMTELYDYPKYSCHF
KKGKRYFYFYNTGLQNQRVLYVQDSLEGEARVFLDPNILSDDGTVALRGYAFSEDGEYFAYGLSASGSDWVTIKFMKVDG
AKELPDVLERVKFSCMAWTHDGKGMFYNAYPQQDGKSDGTETSTNLHQKLYYHVLGTDQSEDILCAEFPDEPKWMGGAEL
SDDGRYVLLSIREGCDPVNRLWYCDLQQESNGITGILKWVKLIDNFEGEYDYVTNEGTVFTFKTNRHSPNYRLINIDFTD
PEESKWKVLVPEHEKDVLEWVACVRSNFLVLCYLHDVKNTLQLHDLATGALLKIFPLEVGSVVGYSGQKKDTEIFYQFTS
FLSPGIIYHCDLTKEELEPRVFREVTVKGIDASDYQTVQIFYPSKDGTKIPMFIVHKKGIKLDGSHPAFLYGYGGFNISI
TPNYSVSRLIFVRHMGGVLAVANIRGGGEYGETWHKGGILANKQNCFDDFQCAAEYLIKEGYTSPKRLTINGGSNGGLLV
ATCANQRPDLFGCVIAQVGVMDMLKFHKYTIGHAWTTDYGCSDSKQHFEWLIKYSPLHNVKLPEADDIQYPSMLLLTADH
DDRVVPLHSLKFIATLQYIVGRSRKQNNPLLIHVDTKAGHGAGKPTAKVIEEVSDMFAFIARCLNIDWIP
;
_entity_poly.pdbx_strand_id   A
#
loop_
_chem_comp.id
_chem_comp.type
_chem_comp.name
_chem_comp.formula
2P2 non-polymer 1-[(2R,5S)-2-tert-butyl-5-({(2S)-2-[(1R)-1,2-dihydroxyethyl]pyrrolidin-1-yl}carbonyl)pyrrolidin-1-yl]-4-phenylbutan-1-one 'C25 H38 N2 O4'
GOL non-polymer GLYCEROL 'C3 H8 O3'
#
# COMPACT_ATOMS: atom_id res chain seq x y z
N MET A 1 12.68 -21.53 -27.07
CA MET A 1 11.67 -21.45 -25.96
C MET A 1 10.34 -20.81 -26.39
N LEU A 2 10.41 -19.83 -27.32
CA LEU A 2 9.25 -19.07 -27.76
C LEU A 2 8.37 -19.91 -28.72
N SER A 3 7.49 -20.73 -28.14
CA SER A 3 6.68 -21.67 -28.91
C SER A 3 5.21 -21.24 -28.93
N PHE A 4 5.00 -19.93 -29.09
CA PHE A 4 3.67 -19.36 -29.25
C PHE A 4 3.83 -18.11 -30.12
N GLN A 5 2.72 -17.55 -30.60
CA GLN A 5 2.76 -16.29 -31.35
C GLN A 5 2.04 -15.19 -30.56
N TYR A 6 2.54 -13.96 -30.63
CA TYR A 6 1.80 -12.83 -30.05
C TYR A 6 0.54 -12.57 -30.87
N PRO A 7 -0.58 -12.25 -30.18
CA PRO A 7 -1.82 -11.93 -30.89
C PRO A 7 -1.65 -10.74 -31.81
N ASP A 8 -2.46 -10.71 -32.87
CA ASP A 8 -2.62 -9.54 -33.71
C ASP A 8 -3.37 -8.48 -32.95
N VAL A 9 -2.83 -7.27 -32.96
CA VAL A 9 -3.43 -6.22 -32.18
C VAL A 9 -3.47 -4.97 -33.03
N TYR A 10 -4.68 -4.47 -33.29
CA TYR A 10 -4.88 -3.29 -34.14
C TYR A 10 -4.18 -2.04 -33.62
N ARG A 11 -3.48 -1.32 -34.51
CA ARG A 11 -2.85 -0.02 -34.21
C ARG A 11 -3.68 1.09 -34.86
N ASP A 12 -4.25 1.99 -34.04
CA ASP A 12 -4.95 3.13 -34.61
C ASP A 12 -3.88 4.17 -34.90
N GLU A 13 -3.44 4.24 -36.16
CA GLU A 13 -2.31 5.15 -36.50
C GLU A 13 -2.75 6.59 -36.64
N THR A 14 -4.06 6.82 -36.51
CA THR A 14 -4.61 8.19 -36.54
C THR A 14 -4.64 8.85 -35.13
N ALA A 15 -4.31 8.07 -34.08
CA ALA A 15 -4.43 8.56 -32.70
C ALA A 15 -3.20 9.39 -32.37
N ILE A 16 -3.28 10.67 -32.71
CA ILE A 16 -2.18 11.57 -32.57
C ILE A 16 -2.68 12.73 -31.72
N GLN A 17 -1.90 13.06 -30.69
CA GLN A 17 -2.24 14.17 -29.82
C GLN A 17 -1.07 15.12 -29.62
N ASP A 18 -1.37 16.40 -29.57
CA ASP A 18 -0.34 17.37 -29.36
C ASP A 18 -0.19 17.71 -27.87
N TYR A 19 1.03 17.56 -27.39
CA TYR A 19 1.39 17.92 -26.04
C TYR A 19 2.44 19.03 -26.12
N HIS A 20 2.00 20.27 -26.01
CA HIS A 20 2.91 21.43 -26.01
C HIS A 20 3.89 21.41 -27.20
N GLY A 21 3.45 20.89 -28.35
CA GLY A 21 4.27 20.90 -29.58
C GLY A 21 4.87 19.54 -29.96
N HIS A 22 4.79 18.60 -29.02
CA HIS A 22 5.34 17.28 -29.18
C HIS A 22 4.18 16.41 -29.65
N LYS A 23 4.31 15.81 -30.83
CA LYS A 23 3.26 14.90 -31.29
C LYS A 23 3.46 13.54 -30.65
N VAL A 24 2.44 13.08 -29.93
CA VAL A 24 2.52 11.75 -29.34
C VAL A 24 1.50 10.82 -30.00
N CYS A 25 1.95 9.69 -30.51
CA CYS A 25 1.06 8.66 -31.09
C CYS A 25 0.62 7.66 -30.01
N ASP A 26 -0.67 7.32 -30.01
CA ASP A 26 -1.20 6.38 -29.01
C ASP A 26 -2.05 5.29 -29.68
N PRO A 27 -1.41 4.41 -30.46
CA PRO A 27 -2.19 3.50 -31.31
C PRO A 27 -3.06 2.52 -30.56
N TYR A 28 -2.76 2.31 -29.28
CA TYR A 28 -3.53 1.38 -28.47
C TYR A 28 -4.51 2.10 -27.52
N ALA A 29 -4.84 3.38 -27.83
CA ALA A 29 -5.80 4.14 -27.03
C ALA A 29 -7.10 3.39 -26.81
N TRP A 30 -7.53 2.67 -27.84
CA TRP A 30 -8.75 1.90 -27.77
C TRP A 30 -8.78 0.86 -26.64
N LEU A 31 -7.61 0.47 -26.12
CA LEU A 31 -7.61 -0.47 -24.98
C LEU A 31 -8.05 0.19 -23.64
N GLU A 32 -8.18 1.51 -23.65
CA GLU A 32 -8.70 2.29 -22.53
C GLU A 32 -10.18 1.97 -22.23
N ASP A 33 -10.90 1.40 -23.21
CA ASP A 33 -12.30 0.97 -22.98
C ASP A 33 -12.36 -0.48 -22.56
N PRO A 34 -12.53 -0.74 -21.25
CA PRO A 34 -12.56 -2.13 -20.78
C PRO A 34 -13.75 -2.96 -21.29
N ASP A 35 -14.81 -2.30 -21.76
CA ASP A 35 -16.07 -2.99 -22.03
C ASP A 35 -16.24 -3.34 -23.49
N SER A 36 -15.38 -2.82 -24.35
CA SER A 36 -15.48 -3.15 -25.78
C SER A 36 -15.18 -4.61 -26.05
N GLU A 37 -15.81 -5.15 -27.08
CA GLU A 37 -15.51 -6.47 -27.56
C GLU A 37 -14.02 -6.62 -27.96
N GLN A 38 -13.43 -5.55 -28.49
CA GLN A 38 -12.03 -5.55 -28.95
C GLN A 38 -11.04 -5.69 -27.77
N THR A 39 -11.28 -4.94 -26.71
CA THR A 39 -10.50 -5.06 -25.49
C THR A 39 -10.69 -6.42 -24.82
N LYS A 40 -11.92 -6.90 -24.77
CA LYS A 40 -12.17 -8.19 -24.14
C LYS A 40 -11.47 -9.29 -24.96
N ALA A 41 -11.43 -9.15 -26.28
CA ALA A 41 -10.79 -10.17 -27.12
C ALA A 41 -9.27 -10.14 -26.94
N PHE A 42 -8.72 -8.94 -26.69
CA PHE A 42 -7.28 -8.74 -26.52
C PHE A 42 -6.86 -9.42 -25.24
N VAL A 43 -7.67 -9.24 -24.20
CA VAL A 43 -7.35 -9.82 -22.90
C VAL A 43 -7.35 -11.34 -23.01
N GLU A 44 -8.39 -11.87 -23.64
CA GLU A 44 -8.50 -13.32 -23.81
C GLU A 44 -7.31 -13.89 -24.60
N ALA A 45 -6.95 -13.23 -25.71
CA ALA A 45 -5.82 -13.71 -26.54
C ALA A 45 -4.51 -13.68 -25.77
N GLN A 46 -4.34 -12.68 -24.91
CA GLN A 46 -3.09 -12.57 -24.16
C GLN A 46 -2.99 -13.67 -23.11
N ASN A 47 -4.05 -13.84 -22.32
CA ASN A 47 -4.09 -14.89 -21.27
C ASN A 47 -3.94 -16.30 -21.86
N LYS A 48 -4.37 -16.44 -23.11
CA LYS A 48 -4.34 -17.72 -23.84
C LYS A 48 -2.89 -18.16 -24.14
N ILE A 49 -1.95 -17.21 -24.21
CA ILE A 49 -0.56 -17.60 -24.44
C ILE A 49 0.26 -17.57 -23.14
N THR A 50 -0.13 -16.67 -22.23
CA THR A 50 0.55 -16.56 -20.94
C THR A 50 0.38 -17.80 -20.07
N VAL A 51 -0.88 -18.21 -19.88
CA VAL A 51 -1.17 -19.31 -18.94
C VAL A 51 -0.42 -20.61 -19.26
N PRO A 52 -0.46 -21.07 -20.53
CA PRO A 52 0.33 -22.27 -20.86
C PRO A 52 1.83 -22.11 -20.64
N PHE A 53 2.36 -20.92 -20.90
CA PHE A 53 3.76 -20.64 -20.74
C PHE A 53 4.12 -20.86 -19.29
N LEU A 54 3.31 -20.29 -18.41
CA LEU A 54 3.51 -20.37 -16.98
C LEU A 54 3.28 -21.75 -16.39
N GLU A 55 2.43 -22.55 -17.01
CA GLU A 55 2.05 -23.82 -16.41
C GLU A 55 2.70 -25.03 -17.08
N GLN A 56 3.56 -24.80 -18.07
CA GLN A 56 4.24 -25.89 -18.79
C GLN A 56 5.25 -26.63 -17.88
N CYS A 57 6.04 -25.87 -17.15
CA CYS A 57 7.11 -26.43 -16.32
C CYS A 57 6.61 -26.91 -14.97
N PRO A 58 7.00 -28.14 -14.58
CA PRO A 58 6.68 -28.79 -13.32
C PRO A 58 7.01 -27.93 -12.11
N ILE A 59 7.80 -26.89 -12.29
CA ILE A 59 8.19 -26.05 -11.15
C ILE A 59 7.02 -25.23 -10.58
N ARG A 60 6.11 -24.76 -11.43
CA ARG A 60 4.90 -24.08 -10.90
C ARG A 60 4.18 -24.92 -9.82
N GLY A 61 3.89 -26.17 -10.16
CA GLY A 61 3.32 -27.14 -9.22
C GLY A 61 4.14 -27.38 -7.94
N LEU A 62 5.46 -27.54 -8.09
CA LEU A 62 6.35 -27.70 -6.96
C LEU A 62 6.28 -26.49 -6.03
N TYR A 63 6.41 -25.32 -6.64
CA TYR A 63 6.33 -24.05 -5.92
C TYR A 63 4.98 -23.93 -5.24
N LYS A 64 3.90 -24.19 -5.97
CA LYS A 64 2.55 -24.05 -5.43
C LYS A 64 2.31 -24.97 -4.20
N GLU A 65 2.73 -26.24 -4.32
CA GLU A 65 2.70 -27.19 -3.21
C GLU A 65 3.54 -26.69 -2.02
N ARG A 66 4.80 -26.32 -2.25
CA ARG A 66 5.61 -25.77 -1.15
C ARG A 66 5.02 -24.46 -0.56
N MET A 67 4.52 -23.56 -1.41
CA MET A 67 3.83 -22.35 -0.90
C MET A 67 2.61 -22.71 -0.02
N THR A 68 1.78 -23.64 -0.47
CA THR A 68 0.55 -23.96 0.23
C THR A 68 0.89 -24.58 1.58
N GLU A 69 1.89 -25.44 1.60
CA GLU A 69 2.37 -26.08 2.80
C GLU A 69 2.95 -25.07 3.81
N LEU A 70 3.86 -24.20 3.37
CA LEU A 70 4.53 -23.24 4.25
C LEU A 70 3.76 -21.98 4.63
N TYR A 71 2.79 -21.60 3.78
CA TYR A 71 1.91 -20.46 4.08
C TYR A 71 0.85 -20.89 5.08
N ASP A 72 0.79 -22.19 5.30
CA ASP A 72 -0.21 -22.73 6.17
C ASP A 72 0.30 -22.64 7.60
N TYR A 73 0.17 -21.47 8.20
CA TYR A 73 0.48 -21.29 9.61
C TYR A 73 -0.47 -20.29 10.26
N PRO A 74 -0.64 -20.42 11.59
CA PRO A 74 -1.58 -19.53 12.29
C PRO A 74 -1.16 -18.09 12.11
N LYS A 75 -2.10 -17.24 11.69
CA LYS A 75 -1.87 -15.83 11.45
C LYS A 75 -2.83 -14.96 12.28
N TYR A 76 -2.27 -14.21 13.24
CA TYR A 76 -3.04 -13.36 14.15
C TYR A 76 -2.82 -11.87 13.91
N SER A 77 -3.85 -11.05 14.18
CA SER A 77 -3.67 -9.62 14.53
C SER A 77 -3.40 -9.43 16.04
N CYS A 78 -2.93 -8.25 16.43
CA CYS A 78 -3.02 -7.80 17.83
C CYS A 78 -4.46 -7.88 18.34
N HIS A 79 -4.61 -8.27 19.61
CA HIS A 79 -5.86 -8.03 20.31
C HIS A 79 -6.15 -6.54 20.39
N PHE A 80 -7.41 -6.17 20.35
CA PHE A 80 -7.80 -4.81 20.69
C PHE A 80 -9.09 -4.86 21.49
N LYS A 81 -9.22 -3.94 22.44
CA LYS A 81 -10.38 -3.90 23.32
C LYS A 81 -11.37 -2.82 22.86
N LYS A 82 -12.65 -3.17 22.78
CA LYS A 82 -13.67 -2.20 22.42
C LYS A 82 -14.84 -2.30 23.42
N GLY A 83 -14.98 -1.28 24.26
CA GLY A 83 -15.92 -1.37 25.35
C GLY A 83 -15.50 -2.49 26.29
N LYS A 84 -16.40 -3.44 26.50
CA LYS A 84 -16.18 -4.53 27.47
C LYS A 84 -15.53 -5.80 26.88
N ARG A 85 -15.25 -5.79 25.58
CA ARG A 85 -14.89 -7.01 24.85
C ARG A 85 -13.57 -6.88 24.12
N TYR A 86 -12.89 -8.01 23.95
CA TYR A 86 -11.69 -8.06 23.16
C TYR A 86 -11.99 -8.67 21.78
N PHE A 87 -11.25 -8.19 20.79
CA PHE A 87 -11.40 -8.67 19.43
C PHE A 87 -10.00 -8.89 18.86
N TYR A 88 -9.91 -9.83 17.92
CA TYR A 88 -8.70 -10.06 17.18
C TYR A 88 -9.03 -10.75 15.85
N PHE A 89 -8.22 -10.46 14.84
CA PHE A 89 -8.29 -11.14 13.57
C PHE A 89 -7.42 -12.37 13.57
N TYR A 90 -7.93 -13.45 13.00
CA TYR A 90 -7.25 -14.72 13.01
C TYR A 90 -7.62 -15.52 11.78
N ASN A 91 -6.59 -16.12 11.18
CA ASN A 91 -6.72 -17.05 10.05
C ASN A 91 -6.04 -18.32 10.49
N THR A 92 -6.75 -19.45 10.39
CA THR A 92 -6.15 -20.73 10.82
C THR A 92 -4.94 -21.11 9.97
N GLY A 93 -4.85 -20.57 8.76
CA GLY A 93 -3.67 -20.79 7.93
C GLY A 93 -3.94 -20.50 6.47
N LEU A 94 -4.90 -21.20 5.91
CA LEU A 94 -5.19 -21.10 4.48
C LEU A 94 -6.60 -20.58 4.18
N GLN A 95 -7.27 -19.96 5.16
CA GLN A 95 -8.58 -19.35 4.88
C GLN A 95 -8.40 -18.19 3.92
N ASN A 96 -9.31 -18.04 2.97
CA ASN A 96 -9.21 -16.96 1.97
C ASN A 96 -9.10 -15.58 2.59
N GLN A 97 -9.81 -15.39 3.69
CA GLN A 97 -9.84 -14.12 4.43
C GLN A 97 -9.73 -14.41 5.89
N ARG A 98 -9.05 -13.54 6.63
CA ARG A 98 -8.98 -13.67 8.07
C ARG A 98 -10.34 -13.37 8.68
N VAL A 99 -10.59 -13.97 9.83
CA VAL A 99 -11.86 -13.89 10.52
C VAL A 99 -11.73 -13.01 11.79
N LEU A 100 -12.78 -12.23 12.08
CA LEU A 100 -12.81 -11.42 13.29
C LEU A 100 -13.45 -12.22 14.43
N TYR A 101 -12.73 -12.31 15.54
CA TYR A 101 -13.20 -13.02 16.74
C TYR A 101 -13.46 -12.03 17.85
N VAL A 102 -14.34 -12.44 18.76
CA VAL A 102 -14.60 -11.68 19.99
C VAL A 102 -14.41 -12.59 21.21
N GLN A 103 -14.04 -12.00 22.34
CA GLN A 103 -14.16 -12.66 23.64
C GLN A 103 -14.47 -11.63 24.72
N ASP A 104 -15.12 -12.07 25.80
CA ASP A 104 -15.53 -11.14 26.86
C ASP A 104 -14.44 -10.89 27.89
N SER A 105 -13.37 -11.67 27.82
CA SER A 105 -12.20 -11.41 28.66
C SER A 105 -10.99 -11.92 27.94
N LEU A 106 -9.82 -11.42 28.36
CA LEU A 106 -8.57 -11.82 27.76
C LEU A 106 -8.34 -13.32 28.01
N GLU A 107 -8.96 -13.84 29.08
CA GLU A 107 -8.81 -15.26 29.48
C GLU A 107 -9.97 -16.17 29.04
N GLY A 108 -11.02 -15.57 28.49
CA GLY A 108 -12.26 -16.29 28.15
C GLY A 108 -12.34 -16.80 26.73
N GLU A 109 -13.27 -17.71 26.48
CA GLU A 109 -13.45 -18.39 25.20
C GLU A 109 -13.87 -17.42 24.09
N ALA A 110 -13.17 -17.45 22.96
CA ALA A 110 -13.48 -16.57 21.84
C ALA A 110 -14.48 -17.24 20.90
N ARG A 111 -15.24 -16.42 20.18
CA ARG A 111 -16.19 -16.92 19.20
C ARG A 111 -16.10 -16.03 17.96
N VAL A 112 -16.50 -16.61 16.83
CA VAL A 112 -16.53 -15.92 15.55
C VAL A 112 -17.46 -14.72 15.63
N PHE A 113 -16.98 -13.54 15.23
CA PHE A 113 -17.83 -12.34 15.27
C PHE A 113 -18.24 -11.96 13.85
N LEU A 114 -17.27 -11.95 12.96
CA LEU A 114 -17.50 -11.71 11.54
C LEU A 114 -16.54 -12.52 10.69
N ASP A 115 -17.12 -13.31 9.78
CA ASP A 115 -16.41 -14.24 8.92
C ASP A 115 -16.74 -13.92 7.47
N PRO A 116 -15.83 -13.19 6.79
CA PRO A 116 -16.04 -12.82 5.41
C PRO A 116 -16.05 -13.99 4.46
N ASN A 117 -15.48 -15.12 4.88
CA ASN A 117 -15.39 -16.29 4.00
C ASN A 117 -16.72 -16.79 3.50
N ILE A 118 -17.77 -16.54 4.27
CA ILE A 118 -19.09 -17.05 3.87
C ILE A 118 -19.85 -16.11 2.90
N LEU A 119 -19.29 -14.95 2.62
CA LEU A 119 -19.95 -13.98 1.71
C LEU A 119 -19.66 -14.23 0.23
N SER A 120 -18.72 -15.14 -0.09
CA SER A 120 -18.45 -15.59 -1.50
C SER A 120 -17.84 -17.00 -1.53
N ASP A 121 -17.98 -17.70 -2.65
CA ASP A 121 -17.39 -19.02 -2.79
C ASP A 121 -15.87 -18.98 -2.89
N ASP A 122 -15.36 -17.85 -3.34
CA ASP A 122 -13.98 -17.76 -3.70
C ASP A 122 -13.20 -16.71 -2.93
N GLY A 123 -13.79 -16.18 -1.83
CA GLY A 123 -13.08 -15.23 -0.98
C GLY A 123 -12.82 -13.84 -1.57
N THR A 124 -13.67 -13.43 -2.51
CA THR A 124 -13.43 -12.19 -3.25
C THR A 124 -14.29 -11.07 -2.74
N VAL A 125 -14.98 -11.34 -1.63
CA VAL A 125 -15.59 -10.27 -0.84
C VAL A 125 -14.73 -10.13 0.41
N ALA A 126 -14.24 -8.91 0.63
CA ALA A 126 -13.30 -8.66 1.73
C ALA A 126 -13.69 -7.45 2.58
N LEU A 127 -13.37 -7.52 3.88
CA LEU A 127 -13.44 -6.35 4.74
C LEU A 127 -12.52 -5.26 4.19
N ARG A 128 -13.03 -4.01 4.12
CA ARG A 128 -12.24 -2.80 3.79
C ARG A 128 -12.70 -1.63 4.69
N GLY A 129 -12.05 -1.51 5.85
CA GLY A 129 -12.38 -0.50 6.85
C GLY A 129 -13.43 -1.01 7.81
N TYR A 130 -13.37 -0.50 9.05
CA TYR A 130 -14.42 -0.71 10.06
C TYR A 130 -14.24 0.32 11.17
N ALA A 131 -15.30 0.50 11.97
CA ALA A 131 -15.19 1.32 13.15
C ALA A 131 -16.26 0.91 14.13
N PHE A 132 -15.86 0.81 15.38
CA PHE A 132 -16.80 0.53 16.44
C PHE A 132 -17.26 1.85 17.01
N SER A 133 -18.49 1.86 17.52
CA SER A 133 -18.96 2.97 18.34
C SER A 133 -18.06 3.11 19.59
N GLU A 134 -18.04 4.31 20.13
CA GLU A 134 -17.19 4.65 21.29
C GLU A 134 -17.39 3.69 22.47
N ASP A 135 -18.64 3.29 22.68
CA ASP A 135 -18.96 2.32 23.74
C ASP A 135 -18.71 0.84 23.34
N GLY A 136 -18.31 0.62 22.08
CA GLY A 136 -18.03 -0.72 21.61
C GLY A 136 -19.25 -1.60 21.39
N GLU A 137 -20.46 -1.05 21.52
CA GLU A 137 -21.71 -1.84 21.36
C GLU A 137 -22.25 -1.94 19.92
N TYR A 138 -21.73 -1.12 19.02
CA TYR A 138 -22.13 -1.17 17.63
C TYR A 138 -20.88 -1.14 16.75
N PHE A 139 -21.01 -1.71 15.55
CA PHE A 139 -19.92 -2.02 14.63
C PHE A 139 -20.31 -1.73 13.18
N ALA A 140 -19.49 -0.93 12.50
CA ALA A 140 -19.67 -0.64 11.08
C ALA A 140 -18.50 -1.21 10.34
N TYR A 141 -18.76 -1.76 9.16
CA TYR A 141 -17.68 -2.35 8.38
C TYR A 141 -17.94 -2.23 6.88
N GLY A 142 -16.86 -2.02 6.13
CA GLY A 142 -16.92 -1.88 4.70
C GLY A 142 -16.63 -3.21 4.02
N LEU A 143 -17.38 -3.54 2.98
CA LEU A 143 -17.10 -4.73 2.16
C LEU A 143 -16.77 -4.26 0.75
N SER A 144 -15.73 -4.83 0.17
CA SER A 144 -15.41 -4.60 -1.25
C SER A 144 -15.53 -5.92 -1.97
N ALA A 145 -16.06 -5.91 -3.21
CA ALA A 145 -16.15 -7.11 -4.05
C ALA A 145 -15.10 -7.08 -5.15
N SER A 146 -14.43 -8.22 -5.32
CA SER A 146 -13.49 -8.45 -6.45
C SER A 146 -12.28 -7.52 -6.46
N GLY A 147 -11.94 -7.05 -5.28
CA GLY A 147 -10.78 -6.20 -5.14
C GLY A 147 -10.94 -4.72 -5.48
N SER A 148 -12.16 -4.29 -5.81
CA SER A 148 -12.43 -2.84 -6.03
C SER A 148 -12.29 -1.96 -4.78
N ASP A 149 -11.90 -0.71 -5.00
CA ASP A 149 -11.88 0.30 -3.97
C ASP A 149 -13.32 0.68 -3.50
N TRP A 150 -14.33 0.41 -4.34
CA TRP A 150 -15.72 0.70 -3.95
C TRP A 150 -16.06 -0.09 -2.69
N VAL A 151 -16.74 0.55 -1.74
CA VAL A 151 -17.12 -0.11 -0.48
C VAL A 151 -18.64 0.02 -0.32
N THR A 152 -19.22 -1.02 0.31
CA THR A 152 -20.53 -0.93 0.94
C THR A 152 -20.33 -1.09 2.43
N ILE A 153 -20.87 -0.14 3.19
CA ILE A 153 -20.78 -0.21 4.64
C ILE A 153 -22.05 -0.85 5.19
N LYS A 154 -21.87 -1.86 6.03
CA LYS A 154 -22.98 -2.51 6.71
C LYS A 154 -22.74 -2.41 8.21
N PHE A 155 -23.73 -2.82 9.01
CA PHE A 155 -23.74 -2.52 10.45
C PHE A 155 -24.22 -3.73 11.25
N MET A 156 -23.70 -3.85 12.47
CA MET A 156 -24.05 -4.90 13.41
C MET A 156 -24.16 -4.33 14.82
N LYS A 157 -25.04 -4.93 15.61
CA LYS A 157 -24.99 -4.78 17.05
C LYS A 157 -24.06 -5.88 17.60
N VAL A 158 -23.10 -5.47 18.40
CA VAL A 158 -22.04 -6.36 18.88
C VAL A 158 -22.56 -7.53 19.72
N ASP A 159 -23.38 -7.23 20.72
CA ASP A 159 -24.04 -8.25 21.55
C ASP A 159 -24.91 -9.18 20.71
N GLY A 160 -24.44 -10.40 20.52
CA GLY A 160 -25.18 -11.41 19.73
C GLY A 160 -24.83 -11.36 18.24
N ALA A 161 -23.88 -10.48 17.89
CA ALA A 161 -23.50 -10.26 16.49
C ALA A 161 -24.72 -10.10 15.55
N LYS A 162 -25.65 -9.20 15.87
CA LYS A 162 -26.89 -9.07 15.10
C LYS A 162 -26.73 -8.16 13.89
N GLU A 163 -27.12 -8.64 12.71
CA GLU A 163 -27.11 -7.79 11.50
C GLU A 163 -28.19 -6.72 11.63
N LEU A 164 -27.84 -5.50 11.22
CA LEU A 164 -28.79 -4.39 11.23
C LEU A 164 -29.14 -4.06 9.77
N PRO A 165 -30.26 -3.31 9.57
CA PRO A 165 -30.64 -3.04 8.17
C PRO A 165 -29.80 -1.97 7.43
N ASP A 166 -29.07 -1.12 8.17
CA ASP A 166 -28.35 0.05 7.55
C ASP A 166 -27.30 -0.39 6.54
N VAL A 167 -27.33 0.23 5.38
CA VAL A 167 -26.40 -0.09 4.32
C VAL A 167 -26.12 1.24 3.61
N LEU A 168 -24.84 1.52 3.44
CA LEU A 168 -24.36 2.77 2.85
C LEU A 168 -23.62 2.44 1.57
N GLU A 169 -24.11 2.99 0.48
CA GLU A 169 -23.56 2.72 -0.84
C GLU A 169 -22.75 3.90 -1.34
N ARG A 170 -21.89 3.62 -2.31
CA ARG A 170 -21.07 4.64 -3.00
C ARG A 170 -19.96 5.20 -2.12
N VAL A 171 -19.48 4.33 -1.24
CA VAL A 171 -18.39 4.63 -0.32
C VAL A 171 -17.06 4.29 -0.99
N LYS A 172 -16.13 5.25 -0.98
CA LYS A 172 -14.78 5.06 -1.47
C LYS A 172 -13.81 6.03 -0.79
N PHE A 173 -12.61 5.54 -0.48
CA PHE A 173 -11.59 6.31 0.24
C PHE A 173 -12.15 7.04 1.48
N SER A 174 -12.88 6.29 2.28
CA SER A 174 -13.77 6.88 3.26
C SER A 174 -13.24 6.77 4.67
N CYS A 175 -13.51 7.82 5.47
CA CYS A 175 -13.41 7.74 6.91
C CYS A 175 -14.59 6.92 7.48
N MET A 176 -14.46 6.44 8.71
CA MET A 176 -15.59 5.87 9.48
C MET A 176 -15.43 6.36 10.91
N ALA A 177 -16.26 7.32 11.32
CA ALA A 177 -16.13 7.86 12.66
C ALA A 177 -17.45 8.12 13.36
N TRP A 178 -17.66 7.39 14.46
CA TRP A 178 -18.92 7.49 15.22
C TRP A 178 -18.87 8.67 16.15
N THR A 179 -19.94 9.43 16.21
CA THR A 179 -20.01 10.38 17.31
C THR A 179 -20.19 9.64 18.64
N HIS A 180 -19.68 10.22 19.72
CA HIS A 180 -19.68 9.53 21.01
C HIS A 180 -21.04 9.46 21.68
N ASP A 181 -22.02 10.23 21.18
CA ASP A 181 -23.42 10.04 21.57
C ASP A 181 -24.01 8.71 21.02
N GLY A 182 -23.23 7.97 20.24
CA GLY A 182 -23.73 6.72 19.64
C GLY A 182 -24.85 6.89 18.60
N LYS A 183 -25.12 8.12 18.19
CA LYS A 183 -26.27 8.38 17.32
C LYS A 183 -26.02 7.94 15.86
N GLY A 184 -24.80 8.11 15.38
CA GLY A 184 -24.49 7.89 13.99
C GLY A 184 -23.01 8.03 13.73
N MET A 185 -22.65 7.98 12.45
CA MET A 185 -21.28 7.85 11.98
C MET A 185 -21.05 8.69 10.73
N PHE A 186 -19.88 9.32 10.68
CA PHE A 186 -19.43 10.02 9.49
C PHE A 186 -18.81 9.05 8.52
N TYR A 187 -18.96 9.35 7.25
CA TYR A 187 -18.37 8.52 6.20
C TYR A 187 -18.31 9.39 4.95
N ASN A 188 -17.61 8.92 3.90
CA ASN A 188 -17.50 9.69 2.67
C ASN A 188 -18.19 8.94 1.57
N ALA A 189 -18.81 9.67 0.65
CA ALA A 189 -19.29 9.05 -0.57
C ALA A 189 -19.15 9.95 -1.80
N TYR A 190 -19.26 9.36 -2.99
CA TYR A 190 -19.13 10.09 -4.26
C TYR A 190 -20.54 10.30 -4.90
N PRO A 191 -20.76 11.42 -5.61
CA PRO A 191 -22.05 11.56 -6.32
C PRO A 191 -22.24 10.40 -7.30
N GLN A 192 -23.47 10.25 -7.75
CA GLN A 192 -23.80 9.29 -8.80
C GLN A 192 -23.05 9.62 -10.09
N GLN A 193 -22.68 8.58 -10.83
CA GLN A 193 -22.03 8.75 -12.11
C GLN A 193 -22.65 7.82 -13.12
N ASP A 194 -22.58 8.20 -14.39
CA ASP A 194 -23.08 7.34 -15.47
C ASP A 194 -22.20 6.09 -15.64
N GLY A 195 -22.82 5.00 -16.08
CA GLY A 195 -22.07 3.78 -16.36
C GLY A 195 -21.84 3.05 -15.06
N LYS A 196 -20.84 2.16 -15.03
CA LYS A 196 -20.62 1.28 -13.88
C LYS A 196 -19.84 1.92 -12.74
N SER A 197 -20.13 1.47 -11.51
CA SER A 197 -19.32 1.77 -10.34
C SER A 197 -18.98 0.46 -9.62
N ASP A 198 -18.21 -0.42 -10.26
CA ASP A 198 -17.95 -1.75 -9.70
C ASP A 198 -16.49 -2.12 -9.70
N GLY A 199 -15.66 -1.25 -10.25
CA GLY A 199 -14.23 -1.51 -10.25
C GLY A 199 -13.74 -1.80 -11.66
N THR A 200 -14.68 -2.00 -12.60
CA THR A 200 -14.31 -2.18 -14.02
C THR A 200 -14.27 -0.85 -14.79
N GLU A 201 -14.83 0.21 -14.21
CA GLU A 201 -14.82 1.50 -14.92
C GLU A 201 -13.51 2.26 -14.77
N THR A 202 -13.33 3.30 -15.58
CA THR A 202 -12.14 4.11 -15.52
C THR A 202 -12.49 5.54 -15.10
N SER A 203 -13.78 5.80 -14.86
CA SER A 203 -14.29 7.14 -14.65
C SER A 203 -13.59 7.82 -13.45
N THR A 204 -13.22 9.07 -13.65
CA THR A 204 -12.54 9.83 -12.61
C THR A 204 -13.41 10.02 -11.36
N ASN A 205 -12.77 10.02 -10.18
CA ASN A 205 -13.50 10.17 -8.94
C ASN A 205 -13.29 11.58 -8.41
N LEU A 206 -14.36 12.37 -8.40
CA LEU A 206 -14.33 13.77 -7.99
C LEU A 206 -15.54 14.13 -7.12
N HIS A 207 -15.41 15.24 -6.40
CA HIS A 207 -16.47 15.80 -5.55
C HIS A 207 -16.87 14.86 -4.44
N GLN A 208 -15.87 14.24 -3.77
CA GLN A 208 -16.14 13.39 -2.62
C GLN A 208 -16.74 14.26 -1.53
N LYS A 209 -17.80 13.75 -0.90
CA LYS A 209 -18.51 14.54 0.09
C LYS A 209 -18.40 13.88 1.46
N LEU A 210 -18.64 14.64 2.51
CA LEU A 210 -18.63 14.05 3.86
C LEU A 210 -20.06 13.99 4.34
N TYR A 211 -20.53 12.79 4.71
CA TYR A 211 -21.89 12.61 5.19
C TYR A 211 -21.96 12.09 6.66
N TYR A 212 -23.10 12.28 7.30
CA TYR A 212 -23.38 11.68 8.60
C TYR A 212 -24.58 10.76 8.49
N HIS A 213 -24.43 9.51 8.90
CA HIS A 213 -25.55 8.58 8.88
C HIS A 213 -26.06 8.33 10.27
N VAL A 214 -27.33 8.62 10.51
CA VAL A 214 -27.97 8.27 11.77
C VAL A 214 -28.39 6.79 11.78
N LEU A 215 -27.92 6.06 12.78
CA LEU A 215 -28.28 4.62 12.87
C LEU A 215 -29.78 4.47 12.93
N GLY A 216 -30.30 3.54 12.14
CA GLY A 216 -31.70 3.20 12.16
C GLY A 216 -32.46 3.93 11.08
N THR A 217 -31.73 4.57 10.15
CA THR A 217 -32.36 5.36 9.07
C THR A 217 -31.92 4.87 7.70
N ASP A 218 -32.60 5.33 6.65
CA ASP A 218 -32.14 5.02 5.29
C ASP A 218 -31.04 6.03 4.90
N GLN A 219 -30.12 5.57 4.08
CA GLN A 219 -29.03 6.43 3.57
C GLN A 219 -29.51 7.77 3.00
N SER A 220 -30.69 7.76 2.38
CA SER A 220 -31.19 8.97 1.74
C SER A 220 -31.46 10.10 2.73
N GLU A 221 -31.59 9.77 4.02
CA GLU A 221 -31.76 10.78 5.09
C GLU A 221 -30.41 11.32 5.59
N ASP A 222 -29.30 10.72 5.14
CA ASP A 222 -28.01 11.19 5.64
C ASP A 222 -27.81 12.67 5.45
N ILE A 223 -27.11 13.26 6.42
CA ILE A 223 -26.83 14.70 6.49
C ILE A 223 -25.51 14.99 5.80
N LEU A 224 -25.52 15.93 4.85
CA LEU A 224 -24.29 16.47 4.27
C LEU A 224 -23.64 17.46 5.24
N CYS A 225 -22.41 17.14 5.67
CA CYS A 225 -21.68 17.92 6.69
C CYS A 225 -20.50 18.76 6.18
N ALA A 226 -19.89 18.31 5.09
CA ALA A 226 -18.83 19.07 4.37
C ALA A 226 -18.81 18.72 2.88
N GLU A 227 -18.54 19.71 2.03
CA GLU A 227 -18.37 19.52 0.59
C GLU A 227 -17.57 20.69 0.01
N PHE A 228 -16.88 20.44 -1.10
CA PHE A 228 -15.95 21.39 -1.73
C PHE A 228 -16.21 21.46 -3.23
N PRO A 229 -17.38 22.02 -3.63
CA PRO A 229 -17.74 21.96 -5.06
C PRO A 229 -16.83 22.80 -5.97
N ASP A 230 -16.12 23.79 -5.40
CA ASP A 230 -15.13 24.56 -6.18
C ASP A 230 -13.76 23.90 -6.25
N GLU A 231 -13.60 22.81 -5.51
CA GLU A 231 -12.34 22.09 -5.40
C GLU A 231 -12.63 20.58 -5.50
N PRO A 232 -12.90 20.12 -6.74
CA PRO A 232 -13.41 18.77 -6.94
C PRO A 232 -12.46 17.65 -6.51
N LYS A 233 -11.16 17.95 -6.31
CA LYS A 233 -10.19 16.92 -5.86
C LYS A 233 -10.02 16.81 -4.35
N TRP A 234 -10.57 17.77 -3.62
CA TRP A 234 -10.41 17.79 -2.15
C TRP A 234 -11.16 16.63 -1.53
N MET A 235 -10.53 15.97 -0.55
CA MET A 235 -11.15 14.84 0.15
C MET A 235 -11.10 15.11 1.65
N GLY A 236 -12.28 15.19 2.28
CA GLY A 236 -12.38 15.59 3.70
C GLY A 236 -12.71 14.40 4.60
N GLY A 237 -11.74 13.96 5.38
CA GLY A 237 -11.90 12.81 6.26
C GLY A 237 -12.12 13.26 7.69
N ALA A 238 -13.09 12.66 8.35
CA ALA A 238 -13.49 13.07 9.69
C ALA A 238 -13.07 12.07 10.76
N GLU A 239 -12.73 12.61 11.94
CA GLU A 239 -12.50 11.79 13.14
C GLU A 239 -12.94 12.59 14.37
N LEU A 240 -13.34 11.90 15.44
CA LEU A 240 -13.68 12.58 16.70
C LEU A 240 -12.49 12.59 17.59
N SER A 241 -12.32 13.70 18.27
CA SER A 241 -11.37 13.79 19.36
C SER A 241 -11.70 12.76 20.44
N ASP A 242 -10.67 12.41 21.21
CA ASP A 242 -10.74 11.38 22.26
C ASP A 242 -11.82 11.59 23.33
N ASP A 243 -12.10 12.86 23.61
CA ASP A 243 -13.14 13.23 24.57
C ASP A 243 -14.52 13.37 23.91
N GLY A 244 -14.61 13.11 22.60
CA GLY A 244 -15.89 13.22 21.87
C GLY A 244 -16.42 14.62 21.55
N ARG A 245 -15.74 15.66 22.05
CA ARG A 245 -16.22 17.05 21.92
C ARG A 245 -16.08 17.63 20.49
N TYR A 246 -15.02 17.24 19.78
CA TYR A 246 -14.75 17.86 18.47
C TYR A 246 -14.77 16.91 17.30
N VAL A 247 -15.38 17.32 16.18
CA VAL A 247 -15.06 16.66 14.90
C VAL A 247 -13.84 17.31 14.24
N LEU A 248 -12.83 16.50 13.88
CA LEU A 248 -11.67 17.02 13.18
C LEU A 248 -11.75 16.60 11.72
N LEU A 249 -11.56 17.55 10.82
CA LEU A 249 -11.62 17.31 9.39
C LEU A 249 -10.25 17.49 8.76
N SER A 250 -9.71 16.39 8.23
CA SER A 250 -8.42 16.43 7.50
C SER A 250 -8.70 16.42 6.02
N ILE A 251 -8.49 17.56 5.38
CA ILE A 251 -8.79 17.68 3.97
C ILE A 251 -7.49 17.50 3.19
N ARG A 252 -7.51 16.53 2.28
CA ARG A 252 -6.35 16.22 1.46
C ARG A 252 -6.62 16.59 0.01
N GLU A 253 -5.56 16.85 -0.74
CA GLU A 253 -5.68 17.01 -2.17
C GLU A 253 -4.39 16.42 -2.72
N GLY A 254 -4.48 15.22 -3.25
CA GLY A 254 -3.29 14.56 -3.75
C GLY A 254 -2.70 13.70 -2.67
N CYS A 255 -1.61 13.01 -2.97
CA CYS A 255 -1.05 12.06 -2.02
C CYS A 255 0.02 12.64 -1.08
N ASP A 256 0.36 13.92 -1.22
CA ASP A 256 1.40 14.52 -0.36
C ASP A 256 0.96 14.44 1.10
N PRO A 257 1.92 14.21 2.01
CA PRO A 257 1.59 14.17 3.42
C PRO A 257 1.41 15.61 3.98
N VAL A 258 0.24 16.17 3.70
CA VAL A 258 -0.12 17.51 4.10
C VAL A 258 -1.63 17.48 4.13
N ASN A 259 -2.22 18.37 4.94
CA ASN A 259 -3.66 18.47 5.05
C ASN A 259 -4.09 19.78 5.67
N ARG A 260 -5.24 20.31 5.23
CA ARG A 260 -5.95 21.33 6.00
C ARG A 260 -6.52 20.62 7.24
N LEU A 261 -6.69 21.37 8.33
CA LEU A 261 -7.25 20.82 9.55
C LEU A 261 -8.32 21.81 10.01
N TRP A 262 -9.58 21.41 9.88
CA TRP A 262 -10.67 22.22 10.37
C TRP A 262 -11.23 21.47 11.57
N TYR A 263 -11.87 22.19 12.49
CA TYR A 263 -12.56 21.51 13.59
C TYR A 263 -13.98 22.00 13.79
N CYS A 264 -14.80 21.14 14.38
CA CYS A 264 -16.13 21.53 14.82
C CYS A 264 -16.38 21.06 16.25
N ASP A 265 -16.52 22.03 17.16
CA ASP A 265 -16.95 21.79 18.54
C ASP A 265 -18.42 21.38 18.50
N LEU A 266 -18.71 20.10 18.71
CA LEU A 266 -20.06 19.61 18.48
C LEU A 266 -21.09 20.20 19.42
N GLN A 267 -20.65 20.62 20.60
CA GLN A 267 -21.52 21.29 21.55
C GLN A 267 -22.00 22.66 21.03
N GLN A 268 -21.25 23.28 20.12
CA GLN A 268 -21.63 24.56 19.57
C GLN A 268 -22.61 24.48 18.37
N GLU A 269 -23.01 23.26 17.99
CA GLU A 269 -23.94 23.11 16.87
C GLU A 269 -25.33 23.55 17.34
N SER A 270 -26.04 24.30 16.51
CA SER A 270 -27.30 24.88 16.95
C SER A 270 -28.37 23.88 17.39
N ASN A 271 -28.48 22.74 16.67
CA ASN A 271 -29.44 21.67 17.06
C ASN A 271 -28.93 20.23 16.81
N GLY A 272 -27.72 19.93 17.28
CA GLY A 272 -27.02 18.71 16.88
C GLY A 272 -26.59 18.81 15.42
N ILE A 273 -26.49 17.67 14.75
CA ILE A 273 -25.95 17.62 13.39
C ILE A 273 -27.13 17.62 12.44
N THR A 274 -27.32 18.72 11.70
CA THR A 274 -28.50 18.86 10.85
C THR A 274 -28.15 19.37 9.45
N GLY A 275 -26.90 19.75 9.23
CA GLY A 275 -26.47 20.29 7.95
C GLY A 275 -24.96 20.55 7.93
N ILE A 276 -24.52 21.50 7.11
CA ILE A 276 -23.06 21.78 7.00
C ILE A 276 -22.62 22.26 8.37
N LEU A 277 -21.56 21.67 8.94
CA LEU A 277 -21.18 21.97 10.33
C LEU A 277 -20.54 23.36 10.40
N LYS A 278 -20.49 23.91 11.60
CA LYS A 278 -19.85 25.22 11.83
C LYS A 278 -18.34 25.04 11.91
N TRP A 279 -17.72 24.79 10.76
CA TRP A 279 -16.29 24.51 10.72
C TRP A 279 -15.47 25.73 11.08
N VAL A 280 -14.46 25.51 11.92
CA VAL A 280 -13.47 26.52 12.26
C VAL A 280 -12.21 26.12 11.52
N LYS A 281 -11.73 27.02 10.66
CA LYS A 281 -10.64 26.62 9.78
C LYS A 281 -9.26 26.82 10.42
N LEU A 282 -8.92 25.95 11.37
CA LEU A 282 -7.67 26.09 12.14
C LEU A 282 -6.42 26.23 11.25
N ILE A 283 -6.21 25.25 10.38
CA ILE A 283 -5.12 25.29 9.43
C ILE A 283 -5.77 25.21 8.05
N ASP A 284 -5.72 26.33 7.32
CA ASP A 284 -6.46 26.42 6.08
C ASP A 284 -5.54 26.56 4.88
N ASN A 285 -4.59 25.65 4.77
CA ASN A 285 -3.64 25.55 3.64
C ASN A 285 -3.07 24.15 3.63
N PHE A 286 -2.31 23.81 2.57
CA PHE A 286 -1.71 22.50 2.43
C PHE A 286 -0.22 22.56 2.66
N GLU A 287 0.25 23.36 3.62
CA GLU A 287 1.69 23.51 3.83
C GLU A 287 2.29 22.41 4.69
N GLY A 288 1.50 21.72 5.49
CA GLY A 288 2.06 20.75 6.43
C GLY A 288 1.07 19.66 6.76
N GLU A 289 1.53 18.59 7.38
CA GLU A 289 0.66 17.52 7.88
C GLU A 289 0.32 17.78 9.33
N TYR A 290 -0.92 17.50 9.70
CA TYR A 290 -1.31 17.58 11.10
C TYR A 290 -2.14 16.36 11.36
N ASP A 291 -1.53 15.42 12.06
CA ASP A 291 -2.12 14.13 12.37
C ASP A 291 -2.48 14.11 13.84
N TYR A 292 -3.79 14.00 14.12
CA TYR A 292 -4.27 14.12 15.51
C TYR A 292 -3.78 12.99 16.44
N VAL A 293 -3.23 13.37 17.58
CA VAL A 293 -2.72 12.37 18.53
C VAL A 293 -3.63 12.29 19.72
N THR A 294 -3.86 13.42 20.37
CA THR A 294 -4.80 13.49 21.49
C THR A 294 -5.09 14.95 21.85
N ASN A 295 -6.03 15.18 22.75
CA ASN A 295 -6.19 16.53 23.30
C ASN A 295 -6.45 16.46 24.80
N GLU A 296 -6.22 17.60 25.45
CA GLU A 296 -6.56 17.81 26.81
C GLU A 296 -7.21 19.19 26.84
N GLY A 297 -8.55 19.17 26.94
CA GLY A 297 -9.33 20.39 26.76
C GLY A 297 -9.03 20.96 25.38
N THR A 298 -8.58 22.22 25.32
CA THR A 298 -8.37 22.86 24.02
C THR A 298 -6.94 22.65 23.50
N VAL A 299 -6.12 21.92 24.28
CA VAL A 299 -4.72 21.67 23.93
C VAL A 299 -4.61 20.36 23.14
N PHE A 300 -4.36 20.53 21.83
CA PHE A 300 -4.34 19.45 20.86
C PHE A 300 -2.93 19.08 20.44
N THR A 301 -2.60 17.79 20.60
CA THR A 301 -1.31 17.26 20.24
C THR A 301 -1.35 16.65 18.83
N PHE A 302 -0.48 17.13 17.94
CA PHE A 302 -0.46 16.66 16.56
C PHE A 302 0.98 16.22 16.18
N LYS A 303 1.07 15.16 15.37
CA LYS A 303 2.29 14.78 14.68
C LYS A 303 2.28 15.62 13.42
N THR A 304 3.41 16.27 13.17
CA THR A 304 3.51 17.19 12.04
C THR A 304 4.83 17.06 11.35
N ASN A 305 4.87 17.46 10.06
CA ASN A 305 6.11 17.64 9.33
C ASN A 305 6.46 19.12 9.09
N ARG A 306 5.70 20.01 9.71
CA ARG A 306 5.86 21.48 9.50
C ARG A 306 7.18 21.95 10.05
N HIS A 307 8.06 22.43 9.17
CA HIS A 307 9.44 22.78 9.52
C HIS A 307 10.24 21.57 10.03
N SER A 308 9.71 20.36 9.81
CA SER A 308 10.32 19.17 10.39
C SER A 308 10.20 17.93 9.49
N PRO A 309 11.13 17.79 8.56
CA PRO A 309 11.07 16.71 7.59
C PRO A 309 11.05 15.29 8.20
N ASN A 310 11.66 15.11 9.37
CA ASN A 310 11.65 13.81 10.09
C ASN A 310 10.49 13.66 11.07
N TYR A 311 9.60 14.68 11.09
CA TYR A 311 8.39 14.72 11.91
C TYR A 311 8.65 15.05 13.38
N ARG A 312 7.69 15.69 14.02
CA ARG A 312 7.77 16.03 15.44
C ARG A 312 6.38 16.06 16.06
N LEU A 313 6.31 16.26 17.38
CA LEU A 313 5.02 16.45 18.04
C LEU A 313 4.82 17.89 18.56
N ILE A 314 3.72 18.53 18.18
CA ILE A 314 3.44 19.91 18.60
C ILE A 314 2.09 19.96 19.32
N ASN A 315 1.92 20.92 20.23
CA ASN A 315 0.66 21.23 20.88
C ASN A 315 0.16 22.56 20.34
N ILE A 316 -1.03 22.52 19.75
CA ILE A 316 -1.72 23.73 19.33
C ILE A 316 -2.91 23.91 20.26
N ASP A 317 -2.97 25.06 20.92
CA ASP A 317 -4.13 25.43 21.73
C ASP A 317 -5.13 26.13 20.81
N PHE A 318 -6.34 25.58 20.76
CA PHE A 318 -7.41 26.16 19.93
C PHE A 318 -7.76 27.58 20.40
N THR A 319 -7.50 27.90 21.66
CA THR A 319 -7.81 29.23 22.20
C THR A 319 -6.69 30.23 21.98
N ASP A 320 -5.53 29.73 21.51
CA ASP A 320 -4.37 30.60 21.18
C ASP A 320 -3.69 29.99 19.95
N PRO A 321 -4.38 30.08 18.81
CA PRO A 321 -4.03 29.16 17.70
C PRO A 321 -2.84 29.56 16.79
N GLU A 322 -2.39 30.82 16.81
CA GLU A 322 -1.30 31.24 15.88
C GLU A 322 -0.03 30.35 16.01
N GLU A 323 0.68 30.18 14.89
CA GLU A 323 1.83 29.28 14.83
C GLU A 323 2.93 29.62 15.81
N SER A 324 3.13 30.91 16.07
CA SER A 324 4.19 31.34 16.98
C SER A 324 3.86 30.89 18.41
N LYS A 325 2.61 30.59 18.71
CA LYS A 325 2.26 30.16 20.06
C LYS A 325 2.38 28.64 20.31
N TRP A 326 2.54 27.85 19.24
CA TRP A 326 2.55 26.39 19.38
C TRP A 326 3.72 25.90 20.22
N LYS A 327 3.50 24.85 21.01
CA LYS A 327 4.58 24.28 21.78
C LYS A 327 5.12 23.03 21.11
N VAL A 328 6.43 22.88 21.13
CA VAL A 328 7.07 21.70 20.58
C VAL A 328 7.25 20.68 21.71
N LEU A 329 6.46 19.61 21.65
CA LEU A 329 6.38 18.66 22.75
C LEU A 329 7.47 17.61 22.68
N VAL A 330 7.62 17.01 21.49
CA VAL A 330 8.76 16.14 21.22
C VAL A 330 9.42 16.68 19.94
N PRO A 331 10.64 17.24 20.06
CA PRO A 331 11.31 17.81 18.90
C PRO A 331 11.70 16.80 17.82
N GLU A 332 11.92 17.31 16.61
CA GLU A 332 12.34 16.45 15.51
C GLU A 332 13.70 15.88 15.85
N HIS A 333 13.91 14.62 15.50
CA HIS A 333 15.22 13.96 15.58
C HIS A 333 15.98 14.32 14.33
N GLU A 334 17.29 14.36 14.44
CA GLU A 334 18.15 14.72 13.32
C GLU A 334 18.14 13.68 12.19
N LYS A 335 17.95 12.41 12.51
CA LYS A 335 17.91 11.41 11.43
C LYS A 335 16.70 10.51 11.47
N ASP A 336 16.26 10.17 12.67
CA ASP A 336 15.19 9.19 12.86
C ASP A 336 13.75 9.70 12.57
N VAL A 337 13.03 8.99 11.70
CA VAL A 337 11.72 9.45 11.24
C VAL A 337 10.69 8.98 12.24
N LEU A 338 9.88 9.92 12.71
CA LEU A 338 8.79 9.61 13.63
C LEU A 338 7.63 9.16 12.76
N GLU A 339 7.35 7.86 12.76
CA GLU A 339 6.41 7.26 11.81
C GLU A 339 4.97 7.45 12.22
N TRP A 340 4.69 7.15 13.49
CA TRP A 340 3.35 7.30 14.01
C TRP A 340 3.38 7.42 15.52
N VAL A 341 2.27 7.88 16.09
CA VAL A 341 2.16 8.12 17.53
C VAL A 341 0.75 7.80 18.01
N ALA A 342 0.65 7.24 19.22
CA ALA A 342 -0.64 6.98 19.82
C ALA A 342 -0.61 7.40 21.27
N CYS A 343 -1.77 7.77 21.78
CA CYS A 343 -1.90 8.11 23.18
C CYS A 343 -2.64 6.98 23.84
N VAL A 344 -2.13 6.58 25.01
CA VAL A 344 -2.72 5.45 25.73
C VAL A 344 -2.66 5.69 27.23
N ARG A 345 -3.60 5.09 27.95
CA ARG A 345 -3.68 5.23 29.40
C ARG A 345 -3.69 6.67 29.89
N SER A 346 -4.46 7.54 29.21
CA SER A 346 -4.63 8.98 29.50
C SER A 346 -3.41 9.84 29.14
N ASN A 347 -2.25 9.52 29.73
CA ASN A 347 -1.11 10.43 29.68
C ASN A 347 0.20 9.81 29.20
N PHE A 348 0.13 8.63 28.58
CA PHE A 348 1.29 8.11 27.85
C PHE A 348 1.14 8.33 26.35
N LEU A 349 2.29 8.48 25.69
CA LEU A 349 2.38 8.49 24.27
C LEU A 349 3.26 7.34 23.87
N VAL A 350 2.85 6.63 22.84
CA VAL A 350 3.65 5.59 22.27
C VAL A 350 4.24 6.10 20.97
N LEU A 351 5.56 6.10 20.85
CA LEU A 351 6.13 6.63 19.61
C LEU A 351 6.90 5.56 18.87
N CYS A 352 6.69 5.54 17.56
CA CYS A 352 7.34 4.54 16.73
C CYS A 352 8.23 5.27 15.74
N TYR A 353 9.54 5.07 15.88
CA TYR A 353 10.51 5.70 14.97
C TYR A 353 11.05 4.68 13.98
N LEU A 354 11.53 5.19 12.85
CA LEU A 354 12.27 4.44 11.85
C LEU A 354 13.75 4.91 11.88
N HIS A 355 14.65 4.01 12.32
CA HIS A 355 16.11 4.24 12.41
C HIS A 355 16.79 3.35 11.37
N ASP A 356 17.24 3.96 10.27
CA ASP A 356 17.83 3.23 9.13
C ASP A 356 17.00 2.02 8.76
N VAL A 357 15.72 2.29 8.56
CA VAL A 357 14.77 1.36 7.99
C VAL A 357 14.46 0.20 8.95
N LYS A 358 14.67 0.42 10.24
CA LYS A 358 14.27 -0.55 11.27
C LYS A 358 13.46 0.21 12.32
N ASN A 359 12.46 -0.44 12.92
CA ASN A 359 11.57 0.24 13.87
C ASN A 359 12.04 0.17 15.33
N THR A 360 11.83 1.27 16.06
CA THR A 360 11.99 1.29 17.50
C THR A 360 10.64 1.74 18.06
N LEU A 361 10.40 1.44 19.32
CA LEU A 361 9.14 1.78 19.95
C LEU A 361 9.50 2.24 21.35
N GLN A 362 8.94 3.39 21.72
CA GLN A 362 9.28 4.07 22.97
C GLN A 362 8.00 4.57 23.62
N LEU A 363 8.02 4.67 24.95
CA LEU A 363 6.91 5.24 25.68
C LEU A 363 7.35 6.61 26.22
N HIS A 364 6.51 7.63 25.99
CA HIS A 364 6.78 8.99 26.46
C HIS A 364 5.67 9.57 27.36
N ASP A 365 6.03 10.58 28.15
CA ASP A 365 5.05 11.25 29.01
C ASP A 365 4.34 12.32 28.18
N LEU A 366 2.99 12.40 28.29
CA LEU A 366 2.20 13.35 27.48
C LEU A 366 2.44 14.78 27.87
N ALA A 367 2.57 15.01 29.18
CA ALA A 367 2.73 16.36 29.70
C ALA A 367 4.02 17.06 29.21
N THR A 368 5.14 16.34 29.23
CA THR A 368 6.43 16.98 28.89
C THR A 368 7.07 16.46 27.60
N GLY A 369 6.65 15.29 27.12
CA GLY A 369 7.30 14.66 25.96
C GLY A 369 8.49 13.75 26.31
N ALA A 370 8.87 13.73 27.58
CA ALA A 370 10.02 13.00 28.07
C ALA A 370 9.92 11.51 27.82
N LEU A 371 11.04 10.92 27.37
CA LEU A 371 11.14 9.48 27.17
C LEU A 371 10.99 8.76 28.51
N LEU A 372 10.14 7.74 28.56
CA LEU A 372 9.98 6.97 29.81
C LEU A 372 10.48 5.52 29.74
N LYS A 373 10.33 4.88 28.58
CA LYS A 373 10.58 3.45 28.45
C LYS A 373 10.85 3.06 27.00
N ILE A 374 11.89 2.25 26.76
CA ILE A 374 12.06 1.70 25.42
C ILE A 374 11.58 0.28 25.41
N PHE A 375 10.74 -0.06 24.44
CA PHE A 375 10.28 -1.42 24.28
C PHE A 375 11.29 -2.12 23.34
N PRO A 376 12.02 -3.13 23.84
CA PRO A 376 13.12 -3.72 23.06
C PRO A 376 12.61 -4.60 21.89
N LEU A 377 13.19 -4.40 20.72
CA LEU A 377 12.76 -5.11 19.53
C LEU A 377 14.01 -5.57 18.79
N GLU A 378 13.91 -6.70 18.10
CA GLU A 378 14.91 -7.14 17.13
C GLU A 378 14.89 -6.24 15.90
N VAL A 379 15.72 -6.55 14.89
CA VAL A 379 15.72 -5.78 13.64
C VAL A 379 14.45 -6.12 12.83
N GLY A 380 13.62 -5.13 12.54
CA GLY A 380 12.43 -5.39 11.72
C GLY A 380 11.40 -4.28 11.78
N SER A 381 10.11 -4.67 11.73
CA SER A 381 9.04 -3.68 11.63
C SER A 381 8.00 -3.89 12.69
N VAL A 382 7.40 -2.79 13.15
CA VAL A 382 6.17 -2.87 13.89
C VAL A 382 5.04 -2.72 12.86
N VAL A 383 4.20 -3.75 12.71
CA VAL A 383 3.17 -3.76 11.66
C VAL A 383 1.75 -3.74 12.22
N GLY A 384 1.61 -3.75 13.54
CA GLY A 384 0.30 -3.67 14.18
C GLY A 384 0.47 -3.11 15.57
N TYR A 385 -0.54 -2.41 16.05
CA TYR A 385 -0.52 -1.84 17.38
C TYR A 385 -1.95 -1.69 17.88
N SER A 386 -2.19 -1.88 19.16
CA SER A 386 -3.45 -1.38 19.70
C SER A 386 -3.22 -0.74 21.04
N GLY A 387 -4.00 0.31 21.29
CA GLY A 387 -4.10 0.95 22.59
C GLY A 387 -4.46 2.41 22.41
N GLN A 388 -5.66 2.78 22.82
CA GLN A 388 -6.11 4.17 22.73
C GLN A 388 -6.24 4.80 24.12
N LYS A 389 -6.68 6.06 24.14
CA LYS A 389 -6.58 6.87 25.35
C LYS A 389 -7.15 6.22 26.63
N LYS A 390 -8.29 5.55 26.48
CA LYS A 390 -9.05 5.03 27.61
C LYS A 390 -8.45 3.70 28.05
N ASP A 391 -7.69 3.05 27.17
CA ASP A 391 -7.07 1.75 27.47
C ASP A 391 -5.87 1.81 28.46
N THR A 392 -5.67 0.71 29.20
CA THR A 392 -4.64 0.64 30.24
C THR A 392 -3.56 -0.41 29.89
N GLU A 393 -3.59 -0.83 28.61
CA GLU A 393 -2.64 -1.80 28.08
C GLU A 393 -2.41 -1.58 26.56
N ILE A 394 -1.26 -2.04 26.04
CA ILE A 394 -1.02 -2.03 24.60
C ILE A 394 -0.71 -3.44 24.09
N PHE A 395 -0.99 -3.67 22.82
CA PHE A 395 -0.43 -4.81 22.10
C PHE A 395 0.29 -4.22 20.91
N TYR A 396 1.37 -4.88 20.49
CA TYR A 396 2.05 -4.48 19.25
C TYR A 396 2.63 -5.71 18.55
N GLN A 397 2.70 -5.64 17.22
CA GLN A 397 3.12 -6.80 16.44
C GLN A 397 4.39 -6.52 15.64
N PHE A 398 5.33 -7.43 15.76
CA PHE A 398 6.63 -7.28 15.17
C PHE A 398 6.84 -8.41 14.13
N THR A 399 7.43 -8.04 13.00
CA THR A 399 7.78 -8.97 11.95
C THR A 399 9.17 -8.60 11.35
N SER A 400 9.77 -9.56 10.66
CA SER A 400 11.04 -9.30 9.99
C SER A 400 11.11 -10.21 8.80
N PHE A 401 12.22 -10.14 8.07
CA PHE A 401 12.49 -11.02 6.94
C PHE A 401 12.41 -12.52 7.25
N LEU A 402 12.83 -12.89 8.44
CA LEU A 402 13.04 -14.30 8.75
C LEU A 402 12.10 -14.90 9.79
N SER A 403 11.27 -14.07 10.41
CA SER A 403 10.32 -14.52 11.43
C SER A 403 8.90 -14.00 11.18
N PRO A 404 7.88 -14.89 11.20
CA PRO A 404 6.48 -14.57 10.92
C PRO A 404 5.94 -13.42 11.76
N GLY A 405 6.24 -13.40 13.05
CA GLY A 405 5.68 -12.34 13.85
C GLY A 405 5.42 -12.76 15.28
N ILE A 406 5.66 -11.79 16.17
CA ILE A 406 5.45 -11.93 17.60
C ILE A 406 4.53 -10.79 17.97
N ILE A 407 3.54 -11.08 18.81
CA ILE A 407 2.68 -10.05 19.33
C ILE A 407 3.05 -9.92 20.79
N TYR A 408 3.37 -8.70 21.18
CA TYR A 408 3.71 -8.41 22.55
C TYR A 408 2.51 -7.77 23.18
N HIS A 409 2.45 -7.90 24.49
CA HIS A 409 1.45 -7.25 25.29
C HIS A 409 2.19 -6.53 26.41
N CYS A 410 1.64 -5.41 26.87
CA CYS A 410 2.23 -4.75 28.02
C CYS A 410 1.16 -4.04 28.87
N ASP A 411 1.15 -4.34 30.17
CA ASP A 411 0.13 -3.82 31.09
C ASP A 411 0.61 -2.48 31.63
N LEU A 412 -0.01 -1.40 31.16
CA LEU A 412 0.48 -0.06 31.48
C LEU A 412 0.10 0.45 32.86
N THR A 413 -0.65 -0.35 33.62
CA THR A 413 -0.94 0.04 34.99
C THR A 413 0.24 -0.32 35.91
N LYS A 414 1.16 -1.13 35.39
CA LYS A 414 2.23 -1.66 36.22
C LYS A 414 3.32 -0.65 36.44
N GLU A 415 3.81 -0.60 37.67
CA GLU A 415 4.88 0.31 38.01
C GLU A 415 6.08 0.07 37.12
N GLU A 416 6.52 -1.19 37.05
CA GLU A 416 7.56 -1.57 36.10
C GLU A 416 6.95 -2.15 34.85
N LEU A 417 7.25 -1.52 33.73
CA LEU A 417 6.66 -1.90 32.47
C LEU A 417 7.54 -2.94 31.84
N GLU A 418 7.03 -4.15 31.74
CA GLU A 418 7.75 -5.24 31.11
C GLU A 418 6.85 -5.86 30.06
N PRO A 419 7.11 -5.57 28.78
CA PRO A 419 6.33 -6.20 27.72
C PRO A 419 6.57 -7.71 27.74
N ARG A 420 5.58 -8.45 27.26
CA ARG A 420 5.65 -9.92 27.26
C ARG A 420 5.18 -10.46 25.91
N VAL A 421 5.78 -11.57 25.47
CA VAL A 421 5.30 -12.28 24.29
C VAL A 421 3.87 -12.73 24.57
N PHE A 422 2.94 -12.25 23.77
CA PHE A 422 1.54 -12.63 23.86
C PHE A 422 1.19 -13.77 22.90
N ARG A 423 1.65 -13.68 21.66
CA ARG A 423 1.52 -14.78 20.68
C ARG A 423 2.79 -14.84 19.86
N GLU A 424 3.22 -16.06 19.53
CA GLU A 424 4.38 -16.26 18.67
C GLU A 424 4.09 -17.54 17.87
N VAL A 425 4.44 -17.53 16.58
CA VAL A 425 4.23 -18.67 15.69
C VAL A 425 5.49 -19.13 14.93
N THR A 426 5.71 -20.44 14.87
CA THR A 426 6.89 -20.98 14.18
C THR A 426 6.55 -21.68 12.84
N VAL A 427 7.09 -21.12 11.76
CA VAL A 427 6.99 -21.73 10.43
C VAL A 427 8.07 -22.78 10.29
N LYS A 428 7.72 -24.00 10.68
CA LYS A 428 8.60 -25.16 10.59
C LYS A 428 8.81 -25.55 9.12
N GLY A 429 10.06 -25.64 8.70
CA GLY A 429 10.40 -25.91 7.30
C GLY A 429 11.39 -24.89 6.77
N ILE A 430 11.26 -23.65 7.23
CA ILE A 430 12.28 -22.63 7.00
C ILE A 430 12.96 -22.28 8.34
N ASP A 431 14.12 -22.89 8.56
CA ASP A 431 15.00 -22.58 9.69
C ASP A 431 15.64 -21.19 9.54
N ALA A 432 15.30 -20.26 10.44
CA ALA A 432 15.79 -18.88 10.34
C ALA A 432 17.32 -18.81 10.48
N SER A 433 17.86 -19.72 11.31
CA SER A 433 19.29 -19.81 11.58
C SER A 433 20.14 -20.16 10.36
N ASP A 434 19.52 -20.64 9.29
CA ASP A 434 20.25 -21.00 8.08
C ASP A 434 20.61 -19.79 7.21
N TYR A 435 19.98 -18.63 7.49
CA TYR A 435 20.05 -17.44 6.64
C TYR A 435 20.53 -16.22 7.43
N GLN A 436 21.04 -15.23 6.71
CA GLN A 436 21.39 -13.96 7.32
C GLN A 436 20.77 -12.77 6.57
N THR A 437 20.42 -11.73 7.33
CA THR A 437 20.07 -10.42 6.76
C THR A 437 21.23 -9.46 6.95
N VAL A 438 21.68 -8.82 5.87
CA VAL A 438 22.63 -7.73 6.01
C VAL A 438 22.03 -6.42 5.47
N GLN A 439 22.52 -5.31 5.96
CA GLN A 439 22.12 -4.04 5.42
C GLN A 439 23.38 -3.36 4.94
N ILE A 440 23.35 -2.90 3.69
CA ILE A 440 24.50 -2.15 3.19
C ILE A 440 24.03 -0.81 2.67
N PHE A 441 24.97 0.09 2.42
CA PHE A 441 24.64 1.40 1.88
C PHE A 441 25.50 1.61 0.62
N TYR A 442 24.86 1.77 -0.54
CA TYR A 442 25.60 1.88 -1.81
C TYR A 442 25.48 3.28 -2.41
N PRO A 443 26.55 3.76 -3.08
CA PRO A 443 26.33 5.06 -3.69
C PRO A 443 25.53 5.02 -5.00
N SER A 444 24.61 5.97 -5.14
CA SER A 444 23.89 6.10 -6.38
C SER A 444 24.71 6.95 -7.35
N LYS A 445 24.14 7.19 -8.52
CA LYS A 445 24.83 7.99 -9.54
C LYS A 445 25.37 9.32 -9.01
N ASP A 446 24.53 10.09 -8.33
CA ASP A 446 24.95 11.38 -7.80
C ASP A 446 25.71 11.25 -6.46
N GLY A 447 26.01 10.01 -6.05
CA GLY A 447 26.83 9.76 -4.85
C GLY A 447 26.02 9.65 -3.56
N THR A 448 24.71 9.90 -3.61
CA THR A 448 23.83 9.65 -2.44
C THR A 448 23.88 8.19 -2.00
N LYS A 449 24.06 7.97 -0.70
CA LYS A 449 24.09 6.62 -0.12
C LYS A 449 22.67 6.11 0.10
N ILE A 450 22.36 4.98 -0.52
CA ILE A 450 21.01 4.35 -0.46
C ILE A 450 21.08 3.07 0.39
N PRO A 451 20.14 2.85 1.33
CA PRO A 451 20.19 1.58 2.03
C PRO A 451 19.69 0.45 1.16
N MET A 452 20.24 -0.74 1.38
CA MET A 452 19.67 -1.92 0.82
C MET A 452 19.76 -3.09 1.80
N PHE A 453 18.66 -3.83 1.98
CA PHE A 453 18.67 -5.10 2.71
C PHE A 453 19.00 -6.25 1.74
N ILE A 454 19.85 -7.18 2.18
CA ILE A 454 20.11 -8.39 1.40
C ILE A 454 19.93 -9.61 2.30
N VAL A 455 19.13 -10.57 1.85
CA VAL A 455 18.85 -11.80 2.61
C VAL A 455 19.34 -12.97 1.81
N HIS A 456 20.15 -13.81 2.44
CA HIS A 456 20.74 -14.96 1.74
C HIS A 456 21.19 -16.09 2.67
N LYS A 457 21.35 -17.25 2.07
CA LYS A 457 21.80 -18.42 2.78
C LYS A 457 23.25 -18.18 3.24
N LYS A 458 23.52 -18.51 4.51
CA LYS A 458 24.86 -18.35 5.09
C LYS A 458 25.93 -19.14 4.34
N GLY A 459 27.11 -18.54 4.24
CA GLY A 459 28.26 -19.19 3.63
C GLY A 459 28.24 -19.35 2.12
N ILE A 460 27.44 -18.53 1.42
CA ILE A 460 27.46 -18.53 -0.04
C ILE A 460 28.71 -17.81 -0.55
N LYS A 461 29.23 -18.28 -1.67
CA LYS A 461 30.37 -17.64 -2.33
C LYS A 461 29.81 -16.50 -3.16
N LEU A 462 30.35 -15.32 -2.98
CA LEU A 462 29.92 -14.20 -3.81
C LEU A 462 30.65 -14.29 -5.14
N ASP A 463 30.22 -15.24 -5.98
CA ASP A 463 30.91 -15.56 -7.23
C ASP A 463 30.02 -15.17 -8.42
N GLY A 464 28.90 -14.52 -8.12
CA GLY A 464 28.00 -13.98 -9.13
C GLY A 464 27.05 -15.00 -9.72
N SER A 465 27.04 -16.21 -9.15
CA SER A 465 26.32 -17.35 -9.73
C SER A 465 24.84 -17.44 -9.34
N HIS A 466 24.44 -16.71 -8.31
CA HIS A 466 23.11 -16.86 -7.73
C HIS A 466 21.97 -16.12 -8.47
N PRO A 467 20.80 -16.75 -8.57
CA PRO A 467 19.65 -15.96 -9.03
C PRO A 467 19.37 -14.93 -7.94
N ALA A 468 18.90 -13.74 -8.33
CA ALA A 468 18.55 -12.73 -7.33
C ALA A 468 17.20 -12.05 -7.62
N PHE A 469 16.52 -11.67 -6.56
CA PHE A 469 15.22 -11.05 -6.64
C PHE A 469 15.32 -9.68 -5.92
N LEU A 470 15.32 -8.62 -6.70
CA LEU A 470 15.49 -7.27 -6.19
C LEU A 470 14.20 -6.50 -6.30
N TYR A 471 13.77 -6.00 -5.15
CA TYR A 471 12.52 -5.33 -5.01
C TYR A 471 12.69 -3.85 -4.71
N GLY A 472 11.85 -3.00 -5.34
CA GLY A 472 11.73 -1.58 -4.95
C GLY A 472 10.35 -0.98 -5.16
N TYR A 473 10.13 0.16 -4.53
CA TYR A 473 8.91 0.94 -4.77
C TYR A 473 9.36 2.34 -5.15
N GLY A 474 9.81 3.13 -4.19
CA GLY A 474 10.34 4.48 -4.49
C GLY A 474 9.32 5.57 -4.82
N GLY A 475 8.51 5.93 -3.83
CA GLY A 475 7.51 6.96 -4.05
C GLY A 475 6.56 7.13 -2.90
N PHE A 476 5.86 8.26 -2.91
CA PHE A 476 4.72 8.53 -2.04
C PHE A 476 5.04 8.48 -0.55
N ASN A 477 6.26 8.82 -0.16
CA ASN A 477 6.69 8.80 1.24
C ASN A 477 6.49 7.44 1.94
N ILE A 478 6.41 6.36 1.17
CA ILE A 478 6.22 5.02 1.74
C ILE A 478 7.57 4.38 2.01
N SER A 479 7.76 3.88 3.23
CA SER A 479 9.00 3.18 3.57
C SER A 479 8.82 1.69 3.41
N ILE A 480 9.80 1.05 2.76
CA ILE A 480 9.78 -0.39 2.56
C ILE A 480 10.62 -1.09 3.62
N THR A 481 9.95 -1.61 4.63
CA THR A 481 10.62 -2.09 5.84
C THR A 481 10.58 -3.63 5.90
N PRO A 482 11.38 -4.25 6.76
CA PRO A 482 11.41 -5.74 6.77
C PRO A 482 10.02 -6.34 7.03
N ASN A 483 9.67 -7.39 6.28
CA ASN A 483 8.38 -8.10 6.43
C ASN A 483 8.59 -9.57 6.17
N TYR A 484 7.79 -10.42 6.80
CA TYR A 484 7.90 -11.86 6.55
C TYR A 484 7.17 -12.29 5.29
N SER A 485 7.92 -12.81 4.33
CA SER A 485 7.34 -13.35 3.10
C SER A 485 7.75 -14.81 2.89
N VAL A 486 6.79 -15.72 3.11
CA VAL A 486 6.96 -17.13 2.77
C VAL A 486 7.35 -17.25 1.30
N SER A 487 6.66 -16.54 0.40
CA SER A 487 6.87 -16.72 -1.05
C SER A 487 8.30 -16.37 -1.45
N ARG A 488 8.83 -15.29 -0.87
CA ARG A 488 10.21 -14.89 -1.12
C ARG A 488 11.24 -15.86 -0.55
N LEU A 489 10.99 -16.39 0.65
CA LEU A 489 11.91 -17.36 1.29
C LEU A 489 11.99 -18.72 0.55
N ILE A 490 10.92 -19.12 -0.11
CA ILE A 490 10.97 -20.31 -0.98
C ILE A 490 11.96 -20.04 -2.15
N PHE A 491 11.88 -18.86 -2.75
CA PHE A 491 12.84 -18.47 -3.78
C PHE A 491 14.26 -18.68 -3.29
N VAL A 492 14.53 -18.25 -2.05
CA VAL A 492 15.84 -18.44 -1.45
C VAL A 492 16.17 -19.94 -1.21
N ARG A 493 15.31 -20.64 -0.47
CA ARG A 493 15.55 -22.03 -0.05
C ARG A 493 15.47 -23.04 -1.19
N HIS A 494 14.44 -22.90 -2.03
CA HIS A 494 14.19 -23.92 -3.06
C HIS A 494 14.61 -23.52 -4.48
N MET A 495 15.01 -22.27 -4.67
CA MET A 495 15.54 -21.85 -5.98
C MET A 495 16.94 -21.26 -5.82
N GLY A 496 17.50 -21.38 -4.61
CA GLY A 496 18.84 -20.90 -4.27
C GLY A 496 19.04 -19.40 -4.41
N GLY A 497 17.98 -18.64 -4.21
CA GLY A 497 18.02 -17.22 -4.48
C GLY A 497 18.61 -16.33 -3.39
N VAL A 498 18.96 -15.13 -3.84
CA VAL A 498 19.36 -14.03 -2.99
C VAL A 498 18.24 -12.98 -3.12
N LEU A 499 17.82 -12.44 -1.98
CA LEU A 499 16.79 -11.44 -1.93
C LEU A 499 17.35 -10.08 -1.54
N ALA A 500 16.92 -9.03 -2.23
CA ALA A 500 17.34 -7.67 -1.93
C ALA A 500 16.16 -6.71 -2.04
N VAL A 501 16.19 -5.69 -1.17
CA VAL A 501 15.20 -4.64 -1.20
C VAL A 501 15.97 -3.32 -1.10
N ALA A 502 15.86 -2.49 -2.12
CA ALA A 502 16.60 -1.22 -2.12
C ALA A 502 15.69 -0.07 -1.68
N ASN A 503 16.14 0.70 -0.69
CA ASN A 503 15.34 1.77 -0.10
C ASN A 503 15.55 3.07 -0.83
N ILE A 504 15.13 3.07 -2.11
CA ILE A 504 15.45 4.15 -3.04
C ILE A 504 14.67 5.43 -2.70
N ARG A 505 15.14 6.56 -3.22
CA ARG A 505 14.49 7.85 -2.97
C ARG A 505 13.06 7.84 -3.52
N GLY A 506 12.23 8.77 -3.03
CA GLY A 506 10.79 8.74 -3.27
C GLY A 506 10.06 8.18 -2.04
N GLY A 507 10.67 7.20 -1.40
CA GLY A 507 10.05 6.63 -0.18
C GLY A 507 10.21 7.55 1.03
N GLY A 508 9.81 7.09 2.20
CA GLY A 508 9.83 7.92 3.42
C GLY A 508 10.91 7.57 4.41
N GLU A 509 11.83 6.68 4.00
CA GLU A 509 12.83 6.08 4.92
C GLU A 509 13.60 7.15 5.66
N TYR A 510 13.97 8.22 4.96
CA TYR A 510 14.62 9.36 5.60
C TYR A 510 13.79 10.63 5.51
N GLY A 511 12.47 10.49 5.75
CA GLY A 511 11.57 11.63 5.95
C GLY A 511 11.31 12.35 4.67
N GLU A 512 10.81 13.59 4.77
CA GLU A 512 10.34 14.27 3.57
C GLU A 512 11.46 14.60 2.56
N THR A 513 12.68 14.76 3.03
CA THR A 513 13.78 15.03 2.10
C THR A 513 14.04 13.78 1.24
N TRP A 514 13.74 12.60 1.77
CA TRP A 514 13.91 11.37 0.99
C TRP A 514 12.80 11.28 -0.05
N HIS A 515 11.56 11.54 0.40
CA HIS A 515 10.40 11.59 -0.49
C HIS A 515 10.64 12.62 -1.59
N LYS A 516 10.99 13.85 -1.18
CA LYS A 516 11.22 14.93 -2.14
C LYS A 516 12.34 14.63 -3.13
N GLY A 517 13.29 13.80 -2.72
CA GLY A 517 14.39 13.33 -3.62
C GLY A 517 14.01 12.35 -4.73
N GLY A 518 12.74 11.91 -4.77
CA GLY A 518 12.27 10.96 -5.80
C GLY A 518 10.90 11.31 -6.40
N ILE A 519 10.62 12.61 -6.53
CA ILE A 519 9.35 13.08 -7.12
C ILE A 519 9.60 14.19 -8.17
N LEU A 520 8.56 14.48 -8.94
CA LEU A 520 8.54 15.65 -9.81
C LEU A 520 9.73 15.62 -10.76
N ALA A 521 10.48 16.72 -10.87
CA ALA A 521 11.66 16.79 -11.76
C ALA A 521 12.71 15.71 -11.42
N ASN A 522 12.66 15.22 -10.21
CA ASN A 522 13.71 14.35 -9.70
C ASN A 522 13.26 12.88 -9.66
N LYS A 523 12.15 12.55 -10.33
CA LYS A 523 11.68 11.15 -10.38
C LYS A 523 12.79 10.20 -10.88
N GLN A 524 13.60 10.69 -11.81
CA GLN A 524 14.68 9.88 -12.41
C GLN A 524 15.65 9.36 -11.36
N ASN A 525 15.80 10.10 -10.26
CA ASN A 525 16.61 9.60 -9.13
C ASN A 525 16.17 8.19 -8.66
N CYS A 526 14.86 7.93 -8.67
CA CYS A 526 14.39 6.59 -8.25
C CYS A 526 14.98 5.55 -9.15
N PHE A 527 14.90 5.78 -10.47
CA PHE A 527 15.32 4.77 -11.46
C PHE A 527 16.83 4.60 -11.42
N ASP A 528 17.52 5.73 -11.24
CA ASP A 528 18.97 5.72 -11.09
C ASP A 528 19.38 4.95 -9.84
N ASP A 529 18.71 5.24 -8.73
CA ASP A 529 18.94 4.55 -7.46
C ASP A 529 18.78 3.03 -7.62
N PHE A 530 17.68 2.65 -8.28
CA PHE A 530 17.36 1.24 -8.47
C PHE A 530 18.33 0.51 -9.42
N GLN A 531 18.70 1.15 -10.52
CA GLN A 531 19.76 0.63 -11.38
C GLN A 531 21.09 0.40 -10.65
N CYS A 532 21.44 1.36 -9.79
CA CYS A 532 22.66 1.29 -9.01
C CYS A 532 22.64 0.16 -7.98
N ALA A 533 21.46 -0.10 -7.41
CA ALA A 533 21.23 -1.26 -6.56
C ALA A 533 21.58 -2.55 -7.31
N ALA A 534 21.04 -2.70 -8.52
CA ALA A 534 21.37 -3.87 -9.38
C ALA A 534 22.87 -4.00 -9.62
N GLU A 535 23.50 -2.88 -9.98
CA GLU A 535 24.93 -2.86 -10.28
C GLU A 535 25.77 -3.17 -9.03
N TYR A 536 25.28 -2.80 -7.86
CA TYR A 536 25.97 -3.15 -6.61
C TYR A 536 25.92 -4.67 -6.42
N LEU A 537 24.73 -5.25 -6.52
CA LEU A 537 24.61 -6.72 -6.44
C LEU A 537 25.50 -7.46 -7.45
N ILE A 538 25.57 -6.96 -8.67
CA ILE A 538 26.44 -7.58 -9.69
C ILE A 538 27.94 -7.42 -9.32
N LYS A 539 28.37 -6.19 -9.03
CA LYS A 539 29.78 -5.90 -8.77
C LYS A 539 30.26 -6.69 -7.55
N GLU A 540 29.39 -6.84 -6.55
CA GLU A 540 29.76 -7.49 -5.30
C GLU A 540 29.59 -9.01 -5.34
N GLY A 541 29.12 -9.54 -6.45
CA GLY A 541 29.10 -10.98 -6.67
C GLY A 541 27.92 -11.75 -6.09
N TYR A 542 26.83 -11.05 -5.79
CA TYR A 542 25.60 -11.77 -5.43
C TYR A 542 24.91 -12.40 -6.63
N THR A 543 25.09 -11.81 -7.81
CA THR A 543 24.32 -12.24 -8.96
C THR A 543 25.03 -11.73 -10.20
N SER A 544 24.43 -12.04 -11.36
CA SER A 544 24.82 -11.48 -12.64
C SER A 544 23.56 -11.03 -13.36
N PRO A 545 23.68 -10.14 -14.38
CA PRO A 545 22.51 -9.61 -15.08
C PRO A 545 21.56 -10.69 -15.57
N LYS A 546 22.12 -11.74 -16.17
CA LYS A 546 21.30 -12.80 -16.72
C LYS A 546 20.48 -13.54 -15.68
N ARG A 547 20.92 -13.52 -14.42
CA ARG A 547 20.21 -14.20 -13.33
C ARG A 547 19.44 -13.25 -12.42
N LEU A 548 19.35 -11.99 -12.79
CA LEU A 548 18.73 -11.03 -11.90
C LEU A 548 17.25 -10.76 -12.28
N THR A 549 16.36 -10.88 -11.29
CA THR A 549 14.96 -10.49 -11.47
C THR A 549 14.68 -9.24 -10.64
N ILE A 550 13.97 -8.29 -11.25
CA ILE A 550 13.40 -7.17 -10.52
C ILE A 550 11.88 -7.21 -10.48
N ASN A 551 11.34 -6.66 -9.39
CA ASN A 551 9.91 -6.73 -9.09
C ASN A 551 9.48 -5.46 -8.41
N GLY A 552 8.29 -4.98 -8.76
CA GLY A 552 7.66 -3.87 -8.05
C GLY A 552 6.18 -3.80 -8.40
N GLY A 553 5.40 -3.18 -7.51
CA GLY A 553 3.94 -3.12 -7.69
C GLY A 553 3.47 -1.67 -7.63
N SER A 554 2.58 -1.29 -8.55
CA SER A 554 1.91 0.00 -8.52
C SER A 554 2.89 1.02 -9.05
N ASN A 555 3.26 1.99 -8.21
CA ASN A 555 4.39 2.89 -8.45
C ASN A 555 5.70 2.10 -8.60
N GLY A 556 5.77 0.95 -7.94
CA GLY A 556 6.91 0.03 -8.12
C GLY A 556 6.87 -0.74 -9.44
N GLY A 557 5.68 -0.83 -10.04
CA GLY A 557 5.55 -1.42 -11.39
C GLY A 557 6.08 -0.44 -12.42
N LEU A 558 5.77 0.85 -12.26
CA LEU A 558 6.44 1.93 -12.99
C LEU A 558 7.96 1.83 -12.89
N LEU A 559 8.44 1.69 -11.65
CA LEU A 559 9.87 1.61 -11.39
C LEU A 559 10.53 0.53 -12.24
N VAL A 560 10.01 -0.70 -12.19
CA VAL A 560 10.66 -1.81 -12.93
C VAL A 560 10.46 -1.75 -14.45
N ALA A 561 9.32 -1.23 -14.92
CA ALA A 561 9.06 -1.06 -16.35
C ALA A 561 10.01 -0.03 -16.92
N THR A 562 10.16 1.09 -16.24
CA THR A 562 11.11 2.12 -16.66
C THR A 562 12.53 1.57 -16.69
N CYS A 563 12.90 0.81 -15.66
CA CYS A 563 14.25 0.22 -15.60
C CYS A 563 14.50 -0.75 -16.76
N ALA A 564 13.46 -1.49 -17.12
CA ALA A 564 13.52 -2.39 -18.29
C ALA A 564 13.90 -1.64 -19.56
N ASN A 565 13.26 -0.49 -19.76
CA ASN A 565 13.48 0.38 -20.90
C ASN A 565 14.82 1.03 -20.88
N GLN A 566 15.20 1.55 -19.71
CA GLN A 566 16.42 2.34 -19.64
C GLN A 566 17.67 1.47 -19.62
N ARG A 567 17.61 0.33 -18.93
CA ARG A 567 18.80 -0.53 -18.85
C ARG A 567 18.44 -2.00 -19.09
N PRO A 568 18.04 -2.33 -20.33
CA PRO A 568 17.57 -3.72 -20.58
C PRO A 568 18.67 -4.79 -20.38
N ASP A 569 19.92 -4.36 -20.46
CA ASP A 569 21.12 -5.22 -20.30
C ASP A 569 21.42 -5.57 -18.86
N LEU A 570 20.77 -4.88 -17.92
CA LEU A 570 21.01 -5.09 -16.51
C LEU A 570 20.21 -6.28 -15.89
N PHE A 571 19.15 -6.70 -16.59
CA PHE A 571 18.17 -7.61 -15.97
C PHE A 571 17.86 -8.79 -16.84
N GLY A 572 17.66 -9.95 -16.22
CA GLY A 572 17.19 -11.11 -16.97
C GLY A 572 15.67 -11.21 -16.99
N CYS A 573 15.04 -10.72 -15.94
CA CYS A 573 13.61 -10.92 -15.77
C CYS A 573 13.01 -9.72 -15.02
N VAL A 574 11.83 -9.30 -15.45
CA VAL A 574 11.13 -8.20 -14.83
C VAL A 574 9.69 -8.65 -14.56
N ILE A 575 9.23 -8.50 -13.30
CA ILE A 575 7.84 -8.74 -13.01
C ILE A 575 7.17 -7.43 -12.52
N ALA A 576 6.33 -6.83 -13.36
CA ALA A 576 5.66 -5.55 -13.02
C ALA A 576 4.21 -5.81 -12.64
N GLN A 577 3.90 -5.59 -11.37
CA GLN A 577 2.55 -5.80 -10.87
C GLN A 577 1.76 -4.51 -10.85
N VAL A 578 0.55 -4.55 -11.41
CA VAL A 578 -0.45 -3.47 -11.35
C VAL A 578 0.21 -2.09 -11.51
N GLY A 579 1.07 -1.96 -12.53
CA GLY A 579 1.87 -0.75 -12.69
C GLY A 579 1.30 0.42 -13.48
N VAL A 580 1.73 1.62 -13.10
CA VAL A 580 1.38 2.84 -13.82
C VAL A 580 2.34 2.98 -14.98
N MET A 581 1.83 2.82 -16.19
CA MET A 581 2.67 2.75 -17.39
C MET A 581 2.52 3.93 -18.32
N ASP A 582 1.32 4.51 -18.39
CA ASP A 582 1.08 5.66 -19.25
C ASP A 582 1.15 6.89 -18.36
N MET A 583 2.33 7.52 -18.28
CA MET A 583 2.49 8.69 -17.43
C MET A 583 1.88 9.96 -18.00
N LEU A 584 1.36 9.90 -19.23
CA LEU A 584 0.75 11.07 -19.84
C LEU A 584 -0.72 11.15 -19.54
N LYS A 585 -1.32 9.98 -19.26
CA LYS A 585 -2.78 9.92 -19.08
C LYS A 585 -3.21 9.36 -17.71
N PHE A 586 -2.27 9.06 -16.83
CA PHE A 586 -2.66 8.41 -15.56
C PHE A 586 -3.70 9.23 -14.82
N HIS A 587 -3.61 10.55 -14.95
CA HIS A 587 -4.44 11.46 -14.15
C HIS A 587 -5.90 11.46 -14.58
N LYS A 588 -6.19 10.91 -15.75
CA LYS A 588 -7.57 10.94 -16.26
C LYS A 588 -8.50 9.92 -15.62
N TYR A 589 -7.93 8.92 -14.96
CA TYR A 589 -8.72 7.74 -14.55
C TYR A 589 -8.88 7.61 -13.04
N THR A 590 -10.06 7.10 -12.68
CA THR A 590 -10.45 6.85 -11.29
C THR A 590 -9.78 7.83 -10.31
N ILE A 591 -8.80 7.38 -9.52
CA ILE A 591 -8.21 8.22 -8.44
C ILE A 591 -6.80 8.71 -8.87
N GLY A 592 -6.45 8.45 -10.13
CA GLY A 592 -5.13 8.86 -10.66
C GLY A 592 -4.76 10.33 -10.46
N HIS A 593 -5.73 11.23 -10.43
CA HIS A 593 -5.40 12.66 -10.27
C HIS A 593 -4.65 12.93 -8.95
N ALA A 594 -4.86 12.06 -7.97
CA ALA A 594 -4.24 12.19 -6.67
C ALA A 594 -2.71 11.95 -6.68
N TRP A 595 -2.19 11.33 -7.74
CA TRP A 595 -0.74 11.02 -7.82
C TRP A 595 0.12 12.11 -8.46
N THR A 596 -0.50 13.21 -8.91
CA THR A 596 0.21 14.34 -9.53
C THR A 596 1.16 15.01 -8.55
N THR A 597 0.94 14.83 -7.24
CA THR A 597 1.86 15.39 -6.24
C THR A 597 3.25 14.74 -6.28
N ASP A 598 3.31 13.48 -6.73
CA ASP A 598 4.59 12.76 -6.93
C ASP A 598 5.05 12.87 -8.36
N TYR A 599 4.12 12.83 -9.32
CA TYR A 599 4.53 12.71 -10.73
C TYR A 599 4.54 14.00 -11.51
N GLY A 600 3.75 14.97 -11.07
CA GLY A 600 3.39 16.11 -11.92
C GLY A 600 2.23 15.71 -12.83
N CYS A 601 1.80 16.63 -13.69
CA CYS A 601 0.69 16.35 -14.64
C CYS A 601 1.05 16.78 -16.09
N SER A 602 0.76 15.94 -17.08
CA SER A 602 1.10 16.25 -18.49
C SER A 602 0.46 17.54 -19.07
N ASP A 603 -0.58 18.05 -18.41
CA ASP A 603 -1.18 19.32 -18.81
C ASP A 603 -0.21 20.49 -18.70
N SER A 604 0.78 20.35 -17.82
CA SER A 604 1.80 21.38 -17.65
C SER A 604 2.99 21.09 -18.58
N LYS A 605 3.42 22.09 -19.36
CA LYS A 605 4.61 21.91 -20.21
C LYS A 605 5.84 21.41 -19.43
N GLN A 606 6.07 21.99 -18.24
CA GLN A 606 7.23 21.65 -17.47
C GLN A 606 7.19 20.17 -17.09
N HIS A 607 6.02 19.74 -16.62
CA HIS A 607 5.86 18.39 -16.11
C HIS A 607 5.93 17.38 -17.24
N PHE A 608 5.25 17.70 -18.34
CA PHE A 608 5.29 16.88 -19.55
C PHE A 608 6.71 16.58 -19.95
N GLU A 609 7.60 17.56 -19.77
CA GLU A 609 9.02 17.37 -20.11
C GLU A 609 9.73 16.37 -19.22
N TRP A 610 9.33 16.28 -17.95
CA TRP A 610 9.84 15.25 -17.07
C TRP A 610 9.29 13.90 -17.51
N LEU A 611 7.96 13.86 -17.69
CA LEU A 611 7.21 12.62 -17.80
C LEU A 611 7.53 11.88 -19.07
N ILE A 612 7.62 12.60 -20.17
CA ILE A 612 7.91 12.00 -21.47
C ILE A 612 9.21 11.22 -21.49
N LYS A 613 10.17 11.62 -20.65
CA LYS A 613 11.48 11.03 -20.66
C LYS A 613 11.53 9.63 -20.00
N TYR A 614 10.57 9.30 -19.13
CA TYR A 614 10.60 8.00 -18.47
C TYR A 614 9.30 7.20 -18.55
N SER A 615 8.20 7.84 -18.98
CA SER A 615 6.94 7.11 -19.17
C SER A 615 7.15 5.75 -19.88
N PRO A 616 6.96 4.63 -19.15
CA PRO A 616 7.23 3.32 -19.78
C PRO A 616 6.56 3.16 -21.13
N LEU A 617 5.30 3.62 -21.26
CA LEU A 617 4.55 3.46 -22.51
C LEU A 617 5.22 4.19 -23.65
N HIS A 618 5.93 5.27 -23.32
CA HIS A 618 6.49 6.13 -24.38
C HIS A 618 8.00 5.94 -24.62
N ASN A 619 8.57 4.93 -23.95
CA ASN A 619 10.02 4.69 -24.06
C ASN A 619 10.43 3.26 -24.42
N VAL A 620 9.52 2.53 -25.04
CA VAL A 620 9.86 1.20 -25.58
C VAL A 620 10.66 1.44 -26.84
N LYS A 621 11.89 0.91 -26.86
CA LYS A 621 12.78 1.11 -28.00
C LYS A 621 13.67 -0.10 -28.13
N LEU A 622 13.81 -0.64 -29.34
CA LEU A 622 14.74 -1.75 -29.58
C LEU A 622 16.11 -1.29 -29.10
N PRO A 623 16.79 -2.10 -28.26
CA PRO A 623 18.17 -1.72 -27.94
C PRO A 623 19.02 -1.64 -29.23
N GLU A 624 19.87 -0.63 -29.28
CA GLU A 624 20.75 -0.39 -30.41
C GLU A 624 21.74 -1.55 -30.60
N ALA A 625 22.39 -1.99 -29.51
CA ALA A 625 23.37 -3.07 -29.61
C ALA A 625 22.76 -4.39 -30.09
N ASP A 626 23.38 -5.02 -31.10
CA ASP A 626 23.01 -6.38 -31.57
C ASP A 626 22.87 -7.44 -30.46
N ASP A 627 23.82 -7.44 -29.53
CA ASP A 627 23.86 -8.45 -28.46
C ASP A 627 22.94 -8.15 -27.26
N ILE A 628 22.12 -7.13 -27.37
CA ILE A 628 21.25 -6.76 -26.24
C ILE A 628 19.77 -6.83 -26.64
N GLN A 629 19.00 -7.58 -25.86
CA GLN A 629 17.53 -7.59 -26.00
C GLN A 629 16.84 -7.14 -24.71
N TYR A 630 15.52 -7.04 -24.76
CA TYR A 630 14.74 -6.80 -23.55
C TYR A 630 14.74 -8.06 -22.70
N PRO A 631 14.74 -7.87 -21.38
CA PRO A 631 14.55 -8.95 -20.41
C PRO A 631 13.23 -9.63 -20.64
N SER A 632 13.10 -10.83 -20.08
CA SER A 632 11.81 -11.50 -20.03
C SER A 632 10.97 -10.61 -19.15
N MET A 633 9.74 -10.35 -19.58
CA MET A 633 8.85 -9.43 -18.85
C MET A 633 7.47 -10.04 -18.63
N LEU A 634 6.97 -9.92 -17.41
CA LEU A 634 5.62 -10.36 -17.12
C LEU A 634 4.94 -9.18 -16.41
N LEU A 635 3.81 -8.74 -16.98
CA LEU A 635 2.93 -7.76 -16.36
C LEU A 635 1.79 -8.49 -15.68
N LEU A 636 1.55 -8.21 -14.41
CA LEU A 636 0.36 -8.76 -13.78
C LEU A 636 -0.66 -7.66 -13.43
N THR A 637 -1.90 -7.85 -13.89
CA THR A 637 -2.99 -6.95 -13.55
C THR A 637 -4.31 -7.74 -13.40
N ALA A 638 -5.41 -7.03 -13.15
CA ALA A 638 -6.71 -7.66 -12.90
C ALA A 638 -7.82 -6.72 -13.33
N ASP A 639 -8.94 -7.31 -13.76
CA ASP A 639 -10.02 -6.54 -14.41
C ASP A 639 -10.82 -5.63 -13.47
N HIS A 640 -10.65 -5.80 -12.15
CA HIS A 640 -11.27 -4.88 -11.18
C HIS A 640 -10.24 -4.00 -10.44
N ASP A 641 -9.05 -3.90 -11.01
CA ASP A 641 -8.09 -2.95 -10.44
C ASP A 641 -8.49 -1.54 -10.80
N ASP A 642 -9.28 -0.93 -9.94
CA ASP A 642 -9.70 0.46 -10.15
C ASP A 642 -8.74 1.44 -9.45
N ARG A 643 -7.73 0.93 -8.76
CA ARG A 643 -6.64 1.79 -8.26
C ARG A 643 -5.77 2.24 -9.44
N VAL A 644 -5.17 1.27 -10.13
CA VAL A 644 -4.37 1.50 -11.31
C VAL A 644 -5.07 0.79 -12.48
N VAL A 645 -5.89 1.53 -13.21
CA VAL A 645 -6.69 0.91 -14.30
C VAL A 645 -5.86 0.03 -15.23
N PRO A 646 -6.39 -1.15 -15.57
CA PRO A 646 -5.60 -2.14 -16.27
C PRO A 646 -5.16 -1.72 -17.68
N LEU A 647 -5.80 -0.71 -18.27
CA LEU A 647 -5.38 -0.13 -19.57
C LEU A 647 -3.88 0.23 -19.63
N HIS A 648 -3.30 0.61 -18.46
CA HIS A 648 -1.87 0.86 -18.31
C HIS A 648 -1.04 -0.34 -18.76
N SER A 649 -1.30 -1.51 -18.16
CA SER A 649 -0.61 -2.76 -18.56
C SER A 649 -1.04 -3.24 -19.96
N LEU A 650 -2.32 -3.06 -20.32
CA LEU A 650 -2.78 -3.49 -21.64
C LEU A 650 -2.03 -2.79 -22.77
N LYS A 651 -2.02 -1.44 -22.75
CA LYS A 651 -1.31 -0.66 -23.77
C LYS A 651 0.19 -0.91 -23.76
N PHE A 652 0.77 -1.02 -22.58
CA PHE A 652 2.19 -1.28 -22.47
C PHE A 652 2.60 -2.63 -23.10
N ILE A 653 1.84 -3.70 -22.83
CA ILE A 653 2.25 -5.01 -23.37
C ILE A 653 2.04 -5.01 -24.89
N ALA A 654 1.00 -4.33 -25.34
CA ALA A 654 0.72 -4.22 -26.75
C ALA A 654 1.87 -3.53 -27.46
N THR A 655 2.44 -2.52 -26.82
CA THR A 655 3.58 -1.80 -27.37
C THR A 655 4.89 -2.65 -27.31
N LEU A 656 5.12 -3.31 -26.18
CA LEU A 656 6.29 -4.21 -25.99
C LEU A 656 6.28 -5.27 -27.08
N GLN A 657 5.12 -5.87 -27.28
CA GLN A 657 5.02 -6.97 -28.24
C GLN A 657 5.19 -6.52 -29.69
N TYR A 658 4.74 -5.31 -30.00
CA TYR A 658 4.91 -4.78 -31.33
C TYR A 658 6.35 -4.27 -31.62
N ILE A 659 6.87 -3.40 -30.75
CA ILE A 659 8.15 -2.73 -31.00
C ILE A 659 9.31 -3.71 -30.83
N VAL A 660 9.25 -4.51 -29.76
CA VAL A 660 10.38 -5.32 -29.34
C VAL A 660 10.08 -6.79 -29.63
N GLY A 661 8.87 -7.25 -29.28
CA GLY A 661 8.46 -8.62 -29.56
C GLY A 661 8.62 -9.09 -31.01
N ARG A 662 8.43 -8.21 -31.98
CA ARG A 662 8.53 -8.62 -33.39
C ARG A 662 9.93 -8.70 -33.97
N SER A 663 10.95 -8.21 -33.25
CA SER A 663 12.33 -8.23 -33.71
C SER A 663 12.87 -9.63 -33.58
N ARG A 664 13.65 -10.03 -34.57
CA ARG A 664 14.30 -11.33 -34.61
C ARG A 664 15.15 -11.66 -33.39
N LYS A 665 15.87 -10.66 -32.87
CA LYS A 665 16.82 -10.90 -31.76
C LYS A 665 16.13 -11.08 -30.42
N GLN A 666 14.84 -10.72 -30.34
CA GLN A 666 14.07 -10.87 -29.08
C GLN A 666 13.53 -12.28 -28.93
N ASN A 667 14.15 -13.04 -28.04
CA ASN A 667 13.69 -14.37 -27.72
C ASN A 667 13.10 -14.43 -26.32
N ASN A 668 13.38 -13.41 -25.50
CA ASN A 668 12.79 -13.38 -24.18
C ASN A 668 11.32 -13.00 -24.29
N PRO A 669 10.44 -13.78 -23.66
CA PRO A 669 9.00 -13.57 -23.75
C PRO A 669 8.54 -12.25 -23.10
N LEU A 670 7.54 -11.61 -23.70
CA LEU A 670 6.91 -10.40 -23.16
C LEU A 670 5.42 -10.69 -23.00
N LEU A 671 4.98 -10.93 -21.77
CA LEU A 671 3.65 -11.48 -21.47
C LEU A 671 2.85 -10.65 -20.47
N ILE A 672 1.53 -10.84 -20.49
CA ILE A 672 0.69 -10.19 -19.49
C ILE A 672 -0.28 -11.22 -18.97
N HIS A 673 -0.60 -11.14 -17.69
CA HIS A 673 -1.69 -11.95 -17.17
C HIS A 673 -2.68 -10.99 -16.54
N VAL A 674 -3.94 -11.15 -16.91
CA VAL A 674 -5.03 -10.32 -16.42
C VAL A 674 -5.96 -11.22 -15.62
N ASP A 675 -5.97 -11.06 -14.30
CA ASP A 675 -6.83 -11.92 -13.44
C ASP A 675 -8.29 -11.41 -13.42
N THR A 676 -9.22 -12.30 -13.05
CA THR A 676 -10.64 -11.99 -12.94
C THR A 676 -11.04 -11.91 -11.46
N LYS A 677 -12.02 -11.06 -11.16
CA LYS A 677 -12.54 -10.91 -9.79
C LYS A 677 -11.44 -10.53 -8.79
N ALA A 678 -10.47 -9.76 -9.27
CA ALA A 678 -9.40 -9.26 -8.42
C ALA A 678 -9.16 -7.78 -8.79
N GLY A 679 -8.51 -7.07 -7.89
CA GLY A 679 -8.20 -5.65 -8.10
C GLY A 679 -6.72 -5.35 -7.83
N HIS A 680 -6.45 -4.24 -7.16
CA HIS A 680 -5.08 -3.75 -7.03
C HIS A 680 -4.24 -4.66 -6.13
N GLY A 681 -4.91 -5.33 -5.19
CA GLY A 681 -4.20 -6.25 -4.33
C GLY A 681 -4.81 -6.41 -2.96
N ALA A 682 -5.25 -5.32 -2.36
CA ALA A 682 -5.84 -5.34 -1.00
C ALA A 682 -7.10 -6.21 -0.97
N GLY A 683 -7.18 -7.11 0.02
CA GLY A 683 -8.30 -8.02 0.20
C GLY A 683 -8.20 -9.27 -0.67
N LYS A 684 -7.07 -9.45 -1.37
CA LYS A 684 -6.99 -10.58 -2.31
C LYS A 684 -7.07 -11.85 -1.48
N PRO A 685 -7.92 -12.80 -1.88
CA PRO A 685 -8.02 -13.99 -1.03
C PRO A 685 -6.76 -14.87 -1.16
N THR A 686 -6.45 -15.59 -0.10
CA THR A 686 -5.31 -16.51 -0.01
C THR A 686 -5.11 -17.39 -1.25
N ALA A 687 -6.22 -17.89 -1.81
CA ALA A 687 -6.12 -18.80 -2.96
C ALA A 687 -5.49 -18.06 -4.13
N LYS A 688 -5.94 -16.83 -4.37
CA LYS A 688 -5.36 -15.98 -5.40
C LYS A 688 -3.93 -15.54 -5.10
N VAL A 689 -3.63 -15.23 -3.84
CA VAL A 689 -2.22 -14.92 -3.49
C VAL A 689 -1.31 -16.10 -3.89
N ILE A 690 -1.77 -17.31 -3.60
CA ILE A 690 -0.93 -18.48 -3.87
C ILE A 690 -0.75 -18.67 -5.37
N GLU A 691 -1.84 -18.57 -6.13
CA GLU A 691 -1.74 -18.65 -7.59
C GLU A 691 -0.75 -17.59 -8.12
N GLU A 692 -0.86 -16.37 -7.59
CA GLU A 692 -0.02 -15.28 -8.04
C GLU A 692 1.51 -15.50 -7.90
N VAL A 693 1.92 -15.91 -6.70
CA VAL A 693 3.34 -16.10 -6.43
C VAL A 693 3.81 -17.34 -7.16
N SER A 694 2.93 -18.32 -7.30
CA SER A 694 3.30 -19.46 -8.13
C SER A 694 3.60 -19.01 -9.57
N ASP A 695 2.71 -18.22 -10.14
CA ASP A 695 2.89 -17.67 -11.49
C ASP A 695 4.21 -16.93 -11.64
N MET A 696 4.51 -16.05 -10.68
CA MET A 696 5.70 -15.19 -10.73
C MET A 696 6.98 -16.03 -10.68
N PHE A 697 7.09 -16.92 -9.71
CA PHE A 697 8.35 -17.68 -9.58
C PHE A 697 8.53 -18.77 -10.65
N ALA A 698 7.40 -19.25 -11.18
CA ALA A 698 7.43 -20.15 -12.33
C ALA A 698 7.96 -19.42 -13.55
N PHE A 699 7.56 -18.17 -13.73
CA PHE A 699 8.05 -17.34 -14.82
C PHE A 699 9.55 -17.15 -14.77
N ILE A 700 10.03 -16.80 -13.57
CA ILE A 700 11.44 -16.63 -13.29
C ILE A 700 12.17 -17.94 -13.59
N ALA A 701 11.70 -19.03 -13.00
CA ALA A 701 12.31 -20.36 -13.18
C ALA A 701 12.44 -20.79 -14.65
N ARG A 702 11.38 -20.57 -15.40
CA ARG A 702 11.43 -20.94 -16.81
C ARG A 702 12.34 -20.02 -17.64
N CYS A 703 12.26 -18.71 -17.40
CA CYS A 703 13.04 -17.73 -18.16
C CYS A 703 14.53 -17.81 -17.88
N LEU A 704 14.89 -18.09 -16.61
CA LEU A 704 16.29 -18.25 -16.22
C LEU A 704 16.78 -19.71 -16.14
N ASN A 705 15.88 -20.64 -16.43
CA ASN A 705 16.15 -22.08 -16.41
C ASN A 705 16.71 -22.49 -15.04
N ILE A 706 16.00 -22.12 -13.98
CA ILE A 706 16.46 -22.44 -12.62
C ILE A 706 15.93 -23.82 -12.18
N ASP A 707 16.83 -24.65 -11.68
CA ASP A 707 16.43 -25.94 -11.10
C ASP A 707 15.79 -25.78 -9.72
N TRP A 708 14.75 -26.57 -9.45
CA TRP A 708 14.17 -26.64 -8.12
C TRP A 708 15.09 -27.39 -7.18
N ILE A 709 15.22 -26.91 -5.94
CA ILE A 709 16.03 -27.60 -4.96
C ILE A 709 15.10 -28.06 -3.84
N PRO A 710 14.83 -29.38 -3.79
CA PRO A 710 13.80 -29.95 -2.91
C PRO A 710 14.17 -29.72 -1.45
C23 2P2 B . -4.70 6.64 -2.39
C24 2P2 B . -5.95 7.10 -3.12
C25 2P2 B . -7.01 7.76 -2.22
C26 2P2 B . -6.46 8.94 -1.47
C27 2P2 B . -6.15 10.11 -2.15
C31 2P2 B . -6.25 8.84 -0.10
C28 2P2 B . -5.64 11.20 -1.45
C20 2P2 B . -5.73 9.93 0.62
C29 2P2 B . -5.41 11.10 -0.07
C21 2P2 B . -3.60 6.27 -3.38
O22 2P2 B . -3.86 6.17 -4.56
C10 2P2 B . -1.46 4.48 -4.71
O11 2P2 B . -2.23 3.56 -4.38
C12 2P2 B . -1.33 5.74 -3.92
C13 2P2 B . -0.04 5.83 -3.09
C14 2P2 B . -0.43 6.54 -1.80
C15 2P2 B . -1.91 6.16 -1.55
C16 2P2 B . -2.14 4.96 -0.59
C17 2P2 B . -1.77 5.46 0.82
C18 2P2 B . -1.35 3.66 -0.90
C19 2P2 B . -3.61 4.56 -0.47
N20 2P2 B . -2.36 6.03 -2.93
C1 2P2 B . 0.39 2.25 -6.12
O2 2P2 B . 1.73 2.75 -6.13
C3 2P2 B . 0.23 1.79 -4.67
O4 2P2 B . -0.94 1.00 -4.48
C5 2P2 B . -0.60 3.30 -6.67
C6 2P2 B . -0.10 3.91 -7.98
C7 2P2 B . 0.55 5.25 -7.68
C8 2P2 B . 0.22 5.56 -6.21
N9 2P2 B . -0.66 4.46 -5.77
C1 GOL C . 21.10 13.68 -10.86
O1 GOL C . 21.77 12.53 -10.36
C2 GOL C . 20.64 14.56 -9.70
O2 GOL C . 20.30 13.83 -8.51
C3 GOL C . 21.74 15.56 -9.43
O3 GOL C . 21.80 15.83 -8.05
C1 GOL D . -17.01 25.20 4.35
O1 GOL D . -16.29 26.15 3.60
C2 GOL D . -17.62 24.22 3.34
O2 GOL D . -16.58 23.73 2.52
C3 GOL D . -18.15 23.03 4.10
O3 GOL D . -18.98 22.28 3.24
C1 GOL E . -5.23 10.83 12.96
O1 GOL E . -4.56 10.32 11.79
C2 GOL E . -4.99 9.91 14.13
O2 GOL E . -3.75 10.18 14.70
C3 GOL E . -6.06 9.94 15.21
O3 GOL E . -5.94 8.76 15.95
#